data_4JX0
#
_entry.id   4JX0
#
_cell.length_a   80.341
_cell.length_b   118.742
_cell.length_c   239.871
_cell.angle_alpha   90.000
_cell.angle_beta   90.000
_cell.angle_gamma   90.000
#
_symmetry.space_group_name_H-M   'I 2 2 2'
#
loop_
_entity.id
_entity.type
_entity.pdbx_description
1 polymer 'hypothetical protein'
2 non-polymer 'MAGNESIUM ION'
3 non-polymer 'TETRAETHYLENE GLYCOL'
4 water water
#
_entity_poly.entity_id   1
_entity_poly.type   'polypeptide(L)'
_entity_poly.pdbx_seq_one_letter_code
;GKDEIQIVDQDTSWQ(MSE)DNKYIEEDIREQLGIDPFTDLVYLGYYGNPYTQLEAINDLVNTTLVGKNELSFKVKVTKP
YKEDIKVNL(MSE)KEDKLVTDFPE(MSE)AEGIPLFPSENCTFEGGVLKAGELETTVKLTLKDVEKLNNLSGYV(MSE)
AIKLT(MSE)EGSHEHLAIARTRSSYFVKLNLSIRLDNIDSSNKKIEGKGFNKEISFKSDIRPDKLGSLNDGNFTANNWY
TSNANNYLTIILPEKQSLKGFRLDTNTSPSGSY(MSE)LKSCRV(MSE)VETPDGNWVNHGVFDRKS(MSE)DGIAYISF
KKPVECTKVRFEN(MSE)(MSE)AFNGRFSVDVNEVTAFR
;
_entity_poly.pdbx_strand_id   A,B
#
loop_
_chem_comp.id
_chem_comp.type
_chem_comp.name
_chem_comp.formula
MG non-polymer 'MAGNESIUM ION' 'Mg 2'
PG4 non-polymer 'TETRAETHYLENE GLYCOL' 'C8 H18 O5'
#
# COMPACT_ATOMS: atom_id res chain seq x y z
N LYS A 19 2.75 13.36 7.97
CA LYS A 19 2.24 13.37 6.59
C LYS A 19 1.28 12.20 6.35
N TYR A 20 0.24 12.42 5.50
CA TYR A 20 -0.74 11.39 5.16
C TYR A 20 -0.25 10.51 4.01
N ILE A 21 -0.26 9.20 4.24
CA ILE A 21 0.11 8.18 3.26
C ILE A 21 -1.05 7.19 3.23
N GLU A 22 -1.47 6.75 2.04
CA GLU A 22 -2.60 5.82 1.90
C GLU A 22 -2.17 4.44 2.43
N GLU A 23 -3.09 3.72 3.08
CA GLU A 23 -2.75 2.44 3.71
C GLU A 23 -2.17 1.40 2.73
N ASP A 24 -2.71 1.32 1.50
CA ASP A 24 -2.23 0.33 0.52
C ASP A 24 -0.78 0.58 0.07
N ILE A 25 -0.39 1.86 -0.13
CA ILE A 25 0.98 2.18 -0.55
C ILE A 25 1.89 2.20 0.70
N ARG A 26 1.35 2.43 1.93
CA ARG A 26 2.13 2.36 3.17
C ARG A 26 2.58 0.91 3.41
N GLU A 27 1.73 -0.08 3.02
CA GLU A 27 2.06 -1.51 3.11
C GLU A 27 3.19 -1.85 2.12
N GLN A 28 3.13 -1.32 0.88
CA GLN A 28 4.19 -1.53 -0.13
C GLN A 28 5.52 -0.96 0.34
N LEU A 29 5.49 0.23 0.98
CA LEU A 29 6.70 0.85 1.50
C LEU A 29 7.29 0.02 2.65
N GLY A 30 6.44 -0.66 3.41
CA GLY A 30 6.86 -1.53 4.49
C GLY A 30 7.56 -2.78 3.99
N ILE A 31 7.01 -3.45 2.97
CA ILE A 31 7.61 -4.67 2.43
C ILE A 31 8.88 -4.36 1.63
N ASP A 32 8.97 -3.15 1.02
CA ASP A 32 10.15 -2.72 0.26
C ASP A 32 10.41 -1.25 0.51
N PRO A 33 11.18 -0.91 1.56
CA PRO A 33 11.48 0.51 1.82
C PRO A 33 12.61 1.07 0.94
N PHE A 34 13.07 0.34 -0.11
CA PHE A 34 14.17 0.76 -0.98
C PHE A 34 13.69 1.19 -2.38
N THR A 35 12.39 1.45 -2.55
CA THR A 35 11.82 1.92 -3.82
C THR A 35 10.81 3.00 -3.54
N ASP A 36 11.06 4.24 -4.04
CA ASP A 36 10.08 5.32 -3.93
C ASP A 36 8.98 5.01 -4.91
N LEU A 37 7.73 5.21 -4.52
CA LEU A 37 6.62 4.87 -5.40
C LEU A 37 5.96 6.11 -5.97
N VAL A 38 5.57 6.06 -7.26
CA VAL A 38 4.85 7.12 -7.96
C VAL A 38 3.43 6.59 -8.17
N TYR A 39 2.41 7.35 -7.77
CA TYR A 39 1.04 6.87 -7.86
C TYR A 39 0.04 8.02 -8.02
N LEU A 40 -1.22 7.66 -8.25
CA LEU A 40 -2.32 8.60 -8.44
C LEU A 40 -2.97 9.01 -7.10
N GLY A 41 -3.08 10.31 -6.87
CA GLY A 41 -3.72 10.86 -5.69
C GLY A 41 -5.20 11.11 -5.94
N TYR A 42 -6.09 10.45 -5.18
CA TYR A 42 -7.53 10.61 -5.34
C TYR A 42 -8.29 10.11 -4.12
N TYR A 43 -9.40 10.79 -3.79
CA TYR A 43 -10.24 10.39 -2.66
C TYR A 43 -11.24 9.32 -3.12
N GLY A 44 -11.43 8.31 -2.28
CA GLY A 44 -12.37 7.24 -2.56
C GLY A 44 -11.93 6.31 -3.66
N ASN A 45 -12.89 5.88 -4.50
CA ASN A 45 -12.64 4.94 -5.60
C ASN A 45 -12.05 5.64 -6.84
N PRO A 46 -11.35 4.89 -7.72
CA PRO A 46 -10.81 5.49 -8.94
C PRO A 46 -11.87 5.54 -10.04
N TYR A 47 -12.91 6.34 -9.84
CA TYR A 47 -14.04 6.41 -10.77
C TYR A 47 -14.67 7.78 -10.78
N THR A 48 -14.91 8.32 -11.98
CA THR A 48 -15.57 9.60 -12.16
C THR A 48 -16.61 9.43 -13.21
N GLN A 49 -17.87 9.75 -12.89
CA GLN A 49 -18.94 9.67 -13.85
C GLN A 49 -19.14 11.06 -14.40
N LEU A 50 -18.84 11.25 -15.69
CA LEU A 50 -19.00 12.53 -16.38
C LEU A 50 -20.39 12.54 -16.98
N GLU A 51 -21.00 13.72 -17.03
CA GLU A 51 -22.34 13.88 -17.58
C GLU A 51 -22.27 14.69 -18.87
N ALA A 52 -23.04 14.23 -19.86
CA ALA A 52 -23.17 14.88 -21.15
C ALA A 52 -24.64 14.90 -21.54
N ILE A 53 -25.02 15.79 -22.46
CA ILE A 53 -26.40 15.89 -22.91
C ILE A 53 -26.47 16.00 -24.42
N ASN A 54 -27.48 15.36 -25.02
CA ASN A 54 -27.73 15.37 -26.45
C ASN A 54 -29.09 16.02 -26.71
N ASP A 55 -29.16 16.87 -27.72
CA ASP A 55 -30.37 17.59 -28.09
C ASP A 55 -30.93 17.06 -29.41
N LEU A 56 -30.64 15.78 -29.74
CA LEU A 56 -31.01 15.11 -30.98
C LEU A 56 -30.23 15.69 -32.20
N VAL A 57 -29.16 16.48 -31.95
CA VAL A 57 -28.33 17.06 -33.00
C VAL A 57 -26.85 16.88 -32.61
N ASN A 58 -26.43 17.45 -31.45
CA ASN A 58 -25.06 17.36 -30.94
C ASN A 58 -25.00 17.04 -29.46
N THR A 59 -23.95 16.30 -29.06
CA THR A 59 -23.65 15.99 -27.67
C THR A 59 -22.81 17.12 -27.10
N THR A 60 -23.10 17.51 -25.86
CA THR A 60 -22.37 18.57 -25.15
C THR A 60 -22.04 18.09 -23.76
N LEU A 61 -20.82 18.37 -23.28
CA LEU A 61 -20.46 17.99 -21.92
C LEU A 61 -21.07 18.96 -20.92
N VAL A 62 -21.60 18.42 -19.83
CA VAL A 62 -22.13 19.21 -18.73
C VAL A 62 -20.92 19.52 -17.85
N GLY A 63 -20.37 20.71 -17.97
CA GLY A 63 -19.19 21.08 -17.21
C GLY A 63 -17.91 21.02 -18.02
N LYS A 64 -16.78 21.02 -17.29
CA LYS A 64 -15.44 21.10 -17.89
C LYS A 64 -15.13 19.86 -18.71
N ASN A 65 -14.42 20.09 -19.83
CA ASN A 65 -13.98 19.04 -20.75
C ASN A 65 -12.55 18.55 -20.41
N GLU A 66 -11.96 19.05 -19.31
CA GLU A 66 -10.62 18.71 -18.83
C GLU A 66 -10.70 18.00 -17.49
N LEU A 67 -9.92 16.92 -17.30
CA LEU A 67 -9.86 16.15 -16.06
C LEU A 67 -8.44 16.21 -15.56
N SER A 68 -8.21 16.89 -14.42
CA SER A 68 -6.88 17.02 -13.83
C SER A 68 -6.69 15.96 -12.75
N PHE A 69 -5.63 15.14 -12.87
CA PHE A 69 -5.30 14.07 -11.92
C PHE A 69 -4.04 14.39 -11.16
N LYS A 70 -4.06 14.23 -9.83
CA LYS A 70 -2.89 14.47 -8.98
C LYS A 70 -1.97 13.25 -9.02
N VAL A 71 -0.65 13.47 -9.19
CA VAL A 71 0.33 12.37 -9.22
C VAL A 71 1.28 12.59 -8.08
N LYS A 72 1.30 11.67 -7.10
CA LYS A 72 2.16 11.77 -5.91
C LYS A 72 3.39 10.85 -6.01
N VAL A 73 4.46 11.21 -5.27
CA VAL A 73 5.67 10.40 -5.10
C VAL A 73 5.85 10.29 -3.58
N THR A 74 6.23 9.10 -3.08
CA THR A 74 6.29 8.85 -1.64
C THR A 74 7.35 9.66 -0.88
N LYS A 75 8.45 10.04 -1.54
CA LYS A 75 9.57 10.77 -0.93
C LYS A 75 10.19 11.68 -1.98
N PRO A 76 10.77 12.85 -1.65
CA PRO A 76 11.36 13.68 -2.71
C PRO A 76 12.50 12.94 -3.40
N TYR A 77 12.51 12.99 -4.75
CA TYR A 77 13.47 12.27 -5.58
C TYR A 77 14.57 13.22 -6.08
N LYS A 78 15.80 12.67 -6.25
CA LYS A 78 17.02 13.37 -6.66
C LYS A 78 16.95 14.13 -8.00
N GLU A 79 16.13 13.66 -8.96
CA GLU A 79 16.02 14.26 -10.30
C GLU A 79 14.54 14.41 -10.73
N ASP A 80 14.29 15.13 -11.83
CA ASP A 80 12.93 15.34 -12.34
C ASP A 80 12.37 14.04 -12.92
N ILE A 81 11.08 13.75 -12.66
CA ILE A 81 10.38 12.55 -13.16
C ILE A 81 9.27 13.01 -14.08
N LYS A 82 9.34 12.65 -15.38
CA LYS A 82 8.27 13.00 -16.32
C LYS A 82 7.20 11.93 -16.23
N VAL A 83 5.95 12.33 -15.97
CA VAL A 83 4.81 11.41 -15.85
C VAL A 83 3.70 11.78 -16.82
N ASN A 84 2.90 10.80 -17.21
CA ASN A 84 1.79 11.02 -18.13
C ASN A 84 0.78 9.91 -18.02
N LEU A 85 -0.44 10.12 -18.54
CA LEU A 85 -1.48 9.08 -18.57
C LEU A 85 -1.60 8.52 -19.97
N MSE A 86 -2.11 7.31 -20.08
CA MSE A 86 -2.35 6.71 -21.39
C MSE A 86 -3.63 5.90 -21.33
O MSE A 86 -4.01 5.43 -20.27
CB MSE A 86 -1.16 5.86 -21.85
CG MSE A 86 -0.97 4.55 -21.11
SE MSE A 86 0.25 3.44 -22.10
CE MSE A 86 -1.02 2.70 -23.45
N LYS A 87 -4.28 5.76 -22.48
CA LYS A 87 -5.53 5.02 -22.58
C LYS A 87 -5.22 3.55 -22.74
N GLU A 88 -5.46 2.76 -21.69
CA GLU A 88 -5.26 1.32 -21.72
C GLU A 88 -6.64 0.69 -21.61
N ASP A 89 -7.25 0.38 -22.77
CA ASP A 89 -8.61 -0.19 -22.87
C ASP A 89 -8.72 -1.61 -22.27
N LYS A 90 -7.60 -2.36 -22.20
CA LYS A 90 -7.57 -3.72 -21.64
C LYS A 90 -8.10 -3.76 -20.19
N LEU A 91 -7.91 -2.68 -19.40
CA LEU A 91 -8.35 -2.60 -18.00
C LEU A 91 -9.88 -2.50 -17.85
N VAL A 92 -10.60 -2.13 -18.91
CA VAL A 92 -12.06 -2.05 -18.88
C VAL A 92 -12.62 -3.47 -18.78
N THR A 93 -11.97 -4.45 -19.47
CA THR A 93 -12.36 -5.88 -19.51
C THR A 93 -12.45 -6.51 -18.09
N ASP A 94 -11.52 -6.17 -17.17
CA ASP A 94 -11.52 -6.69 -15.79
C ASP A 94 -12.44 -5.86 -14.82
N PHE A 95 -13.25 -4.92 -15.35
CA PHE A 95 -14.18 -4.09 -14.60
C PHE A 95 -15.54 -4.19 -15.33
N PRO A 96 -16.23 -5.36 -15.28
CA PRO A 96 -17.48 -5.51 -16.05
C PRO A 96 -18.72 -4.92 -15.37
N GLU A 97 -18.65 -4.54 -14.07
CA GLU A 97 -19.80 -3.95 -13.33
C GLU A 97 -20.32 -2.65 -14.01
N MSE A 98 -19.39 -1.81 -14.51
CA MSE A 98 -19.70 -0.56 -15.19
C MSE A 98 -19.72 -0.70 -16.72
O MSE A 98 -20.44 0.05 -17.36
CB MSE A 98 -18.66 0.52 -14.79
CG MSE A 98 -17.38 0.45 -15.66
SE MSE A 98 -15.92 1.59 -15.11
CE MSE A 98 -14.63 0.93 -16.38
N ALA A 99 -18.86 -1.57 -17.30
CA ALA A 99 -18.65 -1.71 -18.75
C ALA A 99 -19.43 -2.86 -19.41
N GLU A 100 -20.51 -3.38 -18.77
CA GLU A 100 -21.28 -4.46 -19.37
C GLU A 100 -22.11 -3.91 -20.55
N GLY A 101 -21.63 -4.14 -21.77
CA GLY A 101 -22.27 -3.71 -23.00
C GLY A 101 -22.26 -2.22 -23.29
N ILE A 102 -21.22 -1.51 -22.85
CA ILE A 102 -21.07 -0.06 -23.07
C ILE A 102 -19.85 0.13 -23.96
N PRO A 103 -19.97 0.92 -25.06
CA PRO A 103 -18.82 1.08 -25.97
C PRO A 103 -17.67 1.86 -25.37
N LEU A 104 -16.47 1.67 -25.93
CA LEU A 104 -15.29 2.38 -25.45
C LEU A 104 -15.31 3.79 -25.98
N PHE A 105 -14.89 4.76 -25.15
CA PHE A 105 -14.79 6.15 -25.57
C PHE A 105 -13.66 6.24 -26.61
N PRO A 106 -13.92 6.71 -27.85
CA PRO A 106 -12.84 6.71 -28.86
C PRO A 106 -11.53 7.39 -28.40
N SER A 107 -10.39 6.78 -28.72
CA SER A 107 -9.05 7.28 -28.36
C SER A 107 -8.74 8.62 -29.01
N GLU A 108 -9.21 8.81 -30.26
CA GLU A 108 -9.01 10.06 -31.00
C GLU A 108 -9.64 11.28 -30.28
N ASN A 109 -10.70 11.06 -29.49
CA ASN A 109 -11.36 12.13 -28.73
C ASN A 109 -10.64 12.43 -27.37
N CYS A 110 -9.52 11.75 -27.02
CA CYS A 110 -8.72 12.01 -25.80
C CYS A 110 -7.46 12.78 -26.16
N THR A 111 -7.06 13.71 -25.30
CA THR A 111 -5.79 14.44 -25.44
C THR A 111 -5.14 14.46 -24.06
N PHE A 112 -3.99 13.77 -23.93
CA PHE A 112 -3.27 13.63 -22.68
C PHE A 112 -2.11 14.62 -22.58
N GLU A 113 -2.12 15.46 -21.54
CA GLU A 113 -1.08 16.45 -21.24
C GLU A 113 -0.26 15.89 -20.07
N GLY A 114 1.05 15.81 -20.26
CA GLY A 114 1.96 15.26 -19.25
C GLY A 114 2.25 16.21 -18.10
N GLY A 115 2.98 15.69 -17.12
CA GLY A 115 3.39 16.41 -15.92
C GLY A 115 4.84 16.10 -15.57
N VAL A 116 5.45 16.90 -14.69
CA VAL A 116 6.84 16.72 -14.29
C VAL A 116 6.97 16.89 -12.78
N LEU A 117 7.30 15.81 -12.05
CA LEU A 117 7.58 15.90 -10.61
C LEU A 117 9.00 16.43 -10.51
N LYS A 118 9.17 17.74 -10.36
CA LYS A 118 10.52 18.34 -10.33
C LYS A 118 11.29 17.92 -9.08
N ALA A 119 12.62 17.68 -9.22
CA ALA A 119 13.49 17.25 -8.13
C ALA A 119 13.19 18.02 -6.85
N GLY A 120 12.69 17.31 -5.84
CA GLY A 120 12.32 17.89 -4.56
C GLY A 120 10.82 17.96 -4.32
N GLU A 121 10.02 18.02 -5.41
CA GLU A 121 8.56 18.06 -5.29
C GLU A 121 7.99 16.71 -4.90
N LEU A 122 6.78 16.72 -4.32
CA LEU A 122 6.03 15.53 -3.93
C LEU A 122 4.78 15.32 -4.80
N GLU A 123 4.33 16.35 -5.56
CA GLU A 123 3.12 16.24 -6.38
C GLU A 123 3.26 16.96 -7.71
N THR A 124 2.42 16.57 -8.66
CA THR A 124 2.27 17.21 -9.97
C THR A 124 0.85 16.87 -10.48
N THR A 125 0.51 17.33 -11.68
CA THR A 125 -0.79 17.03 -12.28
C THR A 125 -0.60 16.60 -13.73
N VAL A 126 -1.48 15.71 -14.19
CA VAL A 126 -1.54 15.22 -15.56
C VAL A 126 -2.97 15.45 -16.02
N LYS A 127 -3.17 15.96 -17.24
CA LYS A 127 -4.48 16.36 -17.75
C LYS A 127 -5.00 15.44 -18.85
N LEU A 128 -6.31 15.18 -18.84
CA LEU A 128 -7.03 14.42 -19.86
C LEU A 128 -8.09 15.36 -20.38
N THR A 129 -8.00 15.73 -21.66
CA THR A 129 -8.96 16.64 -22.27
C THR A 129 -9.80 15.88 -23.30
N LEU A 130 -11.13 16.01 -23.18
CA LEU A 130 -12.10 15.38 -24.07
C LEU A 130 -12.47 16.37 -25.19
N LYS A 131 -12.19 16.04 -26.45
CA LYS A 131 -12.47 16.95 -27.56
C LYS A 131 -13.44 16.33 -28.59
N ASP A 132 -14.09 17.21 -29.38
CA ASP A 132 -15.01 16.86 -30.48
C ASP A 132 -16.00 15.72 -30.14
N VAL A 133 -16.71 15.87 -29.02
CA VAL A 133 -17.69 14.87 -28.58
C VAL A 133 -19.03 15.02 -29.32
N GLU A 134 -19.25 16.14 -30.02
CA GLU A 134 -20.50 16.49 -30.74
C GLU A 134 -21.28 15.30 -31.34
N LYS A 135 -20.65 14.45 -32.16
CA LYS A 135 -21.34 13.31 -32.82
C LYS A 135 -21.29 11.98 -31.99
N LEU A 136 -20.77 11.98 -30.74
CA LEU A 136 -20.78 10.80 -29.88
C LEU A 136 -22.16 10.76 -29.22
N ASN A 137 -23.13 10.08 -29.87
CA ASN A 137 -24.54 10.07 -29.43
C ASN A 137 -25.06 8.70 -28.94
N ASN A 138 -24.16 7.84 -28.40
CA ASN A 138 -24.60 6.54 -27.88
C ASN A 138 -25.23 6.76 -26.50
N LEU A 139 -26.54 6.46 -26.35
CA LEU A 139 -27.27 6.71 -25.08
C LEU A 139 -26.78 5.85 -23.92
N SER A 140 -26.26 4.64 -24.20
CA SER A 140 -25.69 3.73 -23.19
C SER A 140 -24.48 4.37 -22.48
N GLY A 141 -23.87 5.36 -23.14
CA GLY A 141 -22.73 6.10 -22.63
C GLY A 141 -21.47 5.54 -23.24
N TYR A 142 -20.35 5.98 -22.71
CA TYR A 142 -19.03 5.52 -23.11
C TYR A 142 -18.24 5.25 -21.86
N VAL A 143 -17.24 4.40 -21.95
CA VAL A 143 -16.41 4.05 -20.80
C VAL A 143 -14.95 4.02 -21.22
N MSE A 144 -14.07 4.33 -20.29
CA MSE A 144 -12.65 4.25 -20.59
C MSE A 144 -11.81 4.09 -19.35
O MSE A 144 -12.19 4.52 -18.26
CB MSE A 144 -12.16 5.48 -21.37
CG MSE A 144 -12.33 6.79 -20.64
SE MSE A 144 -11.44 8.20 -21.61
CE MSE A 144 -9.70 7.85 -21.11
N ALA A 145 -10.64 3.46 -19.54
CA ALA A 145 -9.66 3.22 -18.50
C ALA A 145 -8.35 3.86 -18.90
N ILE A 146 -7.65 4.44 -17.93
CA ILE A 146 -6.36 5.11 -18.14
C ILE A 146 -5.36 4.64 -17.10
N LYS A 147 -4.06 4.55 -17.48
CA LYS A 147 -3.01 4.13 -16.56
C LYS A 147 -1.90 5.14 -16.52
N LEU A 148 -1.26 5.28 -15.35
CA LEU A 148 -0.15 6.20 -15.15
C LEU A 148 1.14 5.58 -15.71
N THR A 149 1.99 6.41 -16.34
CA THR A 149 3.25 5.97 -16.93
C THR A 149 4.38 6.92 -16.60
N MSE A 150 5.63 6.45 -16.71
CA MSE A 150 6.85 7.24 -16.53
C MSE A 150 7.61 7.23 -17.83
O MSE A 150 7.67 6.18 -18.49
CB MSE A 150 7.73 6.65 -15.43
CG MSE A 150 7.23 6.97 -14.04
SE MSE A 150 8.52 6.43 -12.69
CE MSE A 150 8.79 4.56 -13.17
N GLU A 151 8.19 8.38 -18.23
CA GLU A 151 8.88 8.46 -19.52
C GLU A 151 10.20 7.65 -19.53
N GLY A 152 11.15 8.06 -18.70
CA GLY A 152 12.46 7.42 -18.67
C GLY A 152 12.57 6.25 -17.72
N SER A 153 13.82 5.90 -17.43
CA SER A 153 14.19 4.87 -16.47
C SER A 153 14.92 5.57 -15.34
N HIS A 154 14.37 5.50 -14.13
CA HIS A 154 14.90 6.13 -12.92
C HIS A 154 15.23 5.04 -11.92
N GLU A 155 16.37 5.15 -11.22
CA GLU A 155 16.82 4.11 -10.28
C GLU A 155 16.09 4.18 -8.92
N HIS A 156 15.68 3.02 -8.38
CA HIS A 156 14.96 2.89 -7.11
C HIS A 156 13.69 3.74 -7.11
N LEU A 157 12.94 3.65 -8.22
CA LEU A 157 11.70 4.36 -8.43
C LEU A 157 10.79 3.51 -9.30
N ALA A 158 9.49 3.46 -8.97
CA ALA A 158 8.54 2.66 -9.73
C ALA A 158 7.12 3.17 -9.56
N ILE A 159 6.23 2.79 -10.50
CA ILE A 159 4.81 3.11 -10.38
C ILE A 159 4.24 2.10 -9.40
N ALA A 160 3.44 2.55 -8.40
CA ALA A 160 2.89 1.65 -7.37
C ALA A 160 2.00 0.56 -8.00
N ARG A 161 1.94 -0.61 -7.34
CA ARG A 161 1.13 -1.75 -7.82
C ARG A 161 -0.35 -1.32 -7.92
N THR A 162 -0.87 -0.78 -6.82
CA THR A 162 -2.22 -0.24 -6.71
C THR A 162 -2.17 1.28 -6.94
N ARG A 163 -3.33 1.94 -7.08
CA ARG A 163 -3.44 3.40 -7.30
C ARG A 163 -2.62 3.89 -8.53
N SER A 164 -2.58 3.10 -9.61
CA SER A 164 -1.88 3.45 -10.86
C SER A 164 -2.85 3.57 -12.05
N SER A 165 -4.13 3.19 -11.89
CA SER A 165 -5.12 3.23 -12.97
C SER A 165 -6.40 3.93 -12.51
N TYR A 166 -7.14 4.50 -13.46
CA TYR A 166 -8.39 5.22 -13.21
C TYR A 166 -9.45 4.90 -14.27
N PHE A 167 -10.73 4.96 -13.87
CA PHE A 167 -11.87 4.67 -14.76
C PHE A 167 -12.76 5.89 -14.90
N VAL A 168 -13.22 6.15 -16.14
CA VAL A 168 -14.09 7.28 -16.44
C VAL A 168 -15.27 6.77 -17.25
N LYS A 169 -16.50 7.14 -16.83
CA LYS A 169 -17.73 6.80 -17.57
C LYS A 169 -18.38 8.09 -17.99
N LEU A 170 -18.70 8.18 -19.28
CA LEU A 170 -19.39 9.33 -19.81
C LEU A 170 -20.84 8.94 -19.93
N ASN A 171 -21.68 9.43 -19.00
CA ASN A 171 -23.11 9.16 -18.99
C ASN A 171 -23.80 10.15 -19.93
N LEU A 172 -24.62 9.64 -20.84
CA LEU A 172 -25.30 10.47 -21.84
C LEU A 172 -26.80 10.40 -21.64
N SER A 173 -27.47 11.55 -21.74
CA SER A 173 -28.93 11.67 -21.55
C SER A 173 -29.50 12.75 -22.47
N ILE A 174 -30.74 12.56 -22.98
CA ILE A 174 -31.33 13.51 -23.92
C ILE A 174 -31.94 14.74 -23.19
N ARG A 175 -31.63 15.93 -23.73
CA ARG A 175 -32.16 17.19 -23.25
C ARG A 175 -32.20 18.18 -24.42
N LEU A 176 -33.39 18.63 -24.76
CA LEU A 176 -33.54 19.59 -25.85
C LEU A 176 -33.17 20.98 -25.35
N ASP A 177 -32.81 21.88 -26.25
CA ASP A 177 -32.52 23.26 -25.90
C ASP A 177 -33.73 24.02 -26.36
N ASN A 178 -34.86 23.77 -25.68
CA ASN A 178 -36.16 24.33 -26.05
C ASN A 178 -36.79 25.16 -24.94
N ILE A 179 -36.01 25.68 -23.98
CA ILE A 179 -36.53 26.53 -22.90
C ILE A 179 -35.81 27.87 -22.95
N ASP A 180 -36.57 28.96 -23.14
CA ASP A 180 -36.05 30.32 -23.16
C ASP A 180 -36.16 30.91 -21.74
N SER A 181 -35.01 31.37 -21.19
CA SER A 181 -34.90 31.92 -19.85
C SER A 181 -34.80 33.47 -19.82
N SER A 182 -35.26 34.15 -20.89
CA SER A 182 -35.22 35.62 -20.95
C SER A 182 -36.19 36.26 -19.97
N ASN A 183 -37.24 35.54 -19.53
CA ASN A 183 -38.27 36.03 -18.61
C ASN A 183 -39.13 37.14 -19.26
N LYS A 184 -39.13 37.24 -20.59
CA LYS A 184 -39.96 38.21 -21.30
C LYS A 184 -41.39 37.74 -21.19
N LYS A 185 -42.35 38.68 -21.04
CA LYS A 185 -43.78 38.37 -20.94
C LYS A 185 -44.23 37.53 -22.14
N ILE A 186 -45.01 36.46 -21.88
CA ILE A 186 -45.47 35.57 -22.93
C ILE A 186 -46.63 36.22 -23.63
N GLU A 187 -46.50 36.25 -24.99
CA GLU A 187 -47.48 36.76 -25.94
C GLU A 187 -48.27 35.57 -26.51
N GLY A 188 -49.28 35.17 -25.76
CA GLY A 188 -50.16 34.07 -26.13
C GLY A 188 -51.49 34.28 -25.45
N LYS A 189 -52.36 33.26 -25.43
CA LYS A 189 -53.65 33.39 -24.75
C LYS A 189 -53.60 32.56 -23.47
N GLY A 190 -53.67 33.24 -22.33
CA GLY A 190 -53.55 32.64 -21.02
C GLY A 190 -54.78 31.91 -20.51
N PHE A 191 -54.56 30.89 -19.66
CA PHE A 191 -55.63 30.08 -19.10
C PHE A 191 -55.13 29.18 -17.96
N ASN A 192 -56.04 28.78 -17.04
CA ASN A 192 -55.72 27.83 -15.96
C ASN A 192 -56.95 27.22 -15.23
N LYS A 193 -58.20 27.54 -15.63
CA LYS A 193 -59.40 27.02 -14.97
C LYS A 193 -59.52 25.52 -15.19
N GLU A 194 -59.25 25.09 -16.43
CA GLU A 194 -59.34 23.69 -16.84
C GLU A 194 -58.10 22.85 -16.46
N ILE A 195 -57.00 23.48 -16.00
CA ILE A 195 -55.76 22.78 -15.63
C ILE A 195 -55.94 22.10 -14.26
N SER A 196 -55.35 20.90 -14.11
CA SER A 196 -55.32 20.13 -12.86
C SER A 196 -53.86 20.02 -12.45
N PHE A 197 -53.58 19.86 -11.14
CA PHE A 197 -52.22 19.79 -10.63
C PHE A 197 -52.00 18.57 -9.75
N LYS A 198 -50.78 18.03 -9.81
CA LYS A 198 -50.36 16.90 -8.98
C LYS A 198 -48.97 17.22 -8.45
N SER A 199 -48.68 16.78 -7.23
CA SER A 199 -47.39 17.01 -6.60
C SER A 199 -47.14 15.98 -5.48
N ASP A 200 -45.86 15.68 -5.22
CA ASP A 200 -45.50 14.77 -4.13
C ASP A 200 -45.54 15.46 -2.76
N ILE A 201 -45.55 16.82 -2.73
CA ILE A 201 -45.58 17.58 -1.48
C ILE A 201 -46.79 18.52 -1.47
N ARG A 202 -47.43 18.69 -0.30
CA ARG A 202 -48.58 19.56 -0.08
C ARG A 202 -49.63 19.46 -1.19
N PRO A 203 -50.10 18.24 -1.54
CA PRO A 203 -51.12 18.12 -2.60
C PRO A 203 -52.43 18.87 -2.26
N ASP A 204 -52.76 18.89 -0.96
CA ASP A 204 -53.93 19.59 -0.41
C ASP A 204 -53.90 21.13 -0.65
N LYS A 205 -52.71 21.72 -0.89
CA LYS A 205 -52.55 23.16 -1.11
C LYS A 205 -52.45 23.53 -2.61
N LEU A 206 -52.75 22.59 -3.53
CA LEU A 206 -52.60 22.87 -4.98
C LEU A 206 -53.77 23.67 -5.57
N GLY A 207 -54.88 23.84 -4.83
CA GLY A 207 -56.02 24.62 -5.29
C GLY A 207 -55.70 26.10 -5.50
N SER A 208 -54.67 26.59 -4.78
CA SER A 208 -54.18 27.96 -4.86
C SER A 208 -53.48 28.28 -6.19
N LEU A 209 -53.06 27.25 -6.97
CA LEU A 209 -52.34 27.46 -8.21
C LEU A 209 -53.24 27.96 -9.34
N ASN A 210 -54.59 27.89 -9.22
CA ASN A 210 -55.50 28.41 -10.24
C ASN A 210 -56.71 29.16 -9.61
N ASP A 211 -56.52 29.74 -8.41
CA ASP A 211 -57.51 30.61 -7.77
C ASP A 211 -57.29 32.01 -8.38
N GLY A 212 -57.94 33.04 -7.90
CA GLY A 212 -57.68 34.37 -8.46
C GLY A 212 -56.39 35.02 -8.00
N ASN A 213 -55.89 34.60 -6.82
CA ASN A 213 -54.74 35.20 -6.14
C ASN A 213 -53.40 34.83 -6.75
N PHE A 214 -52.60 35.88 -7.07
CA PHE A 214 -51.26 35.78 -7.62
C PHE A 214 -50.15 36.04 -6.60
N THR A 215 -50.43 36.78 -5.52
CA THR A 215 -49.42 37.17 -4.52
C THR A 215 -49.43 36.32 -3.22
N ALA A 216 -50.51 35.57 -2.93
CA ALA A 216 -50.60 34.75 -1.71
C ALA A 216 -50.06 33.34 -1.95
N ASN A 217 -49.32 32.80 -0.97
CA ASN A 217 -48.72 31.49 -1.09
C ASN A 217 -49.37 30.46 -0.15
N ASN A 218 -49.47 29.23 -0.67
CA ASN A 218 -49.95 28.05 0.04
C ASN A 218 -49.05 26.83 -0.31
N TRP A 219 -48.70 26.65 -1.61
CA TRP A 219 -47.83 25.58 -2.07
C TRP A 219 -46.40 26.05 -2.31
N TYR A 220 -45.44 25.23 -1.87
CA TYR A 220 -44.01 25.45 -2.06
C TYR A 220 -43.26 24.14 -1.88
N THR A 221 -42.08 24.03 -2.48
CA THR A 221 -41.26 22.83 -2.37
C THR A 221 -40.37 22.94 -1.15
N SER A 222 -39.86 21.79 -0.69
CA SER A 222 -38.91 21.70 0.44
C SER A 222 -37.57 21.04 0.05
N ASN A 223 -37.44 20.42 -1.15
CA ASN A 223 -36.17 19.83 -1.57
C ASN A 223 -36.13 19.67 -3.10
N ALA A 224 -34.96 19.34 -3.65
CA ALA A 224 -34.75 19.15 -5.08
C ALA A 224 -35.56 17.99 -5.67
N ASN A 225 -35.98 17.00 -4.83
CA ASN A 225 -36.75 15.85 -5.34
C ASN A 225 -38.24 16.17 -5.49
N ASN A 226 -38.73 17.30 -4.97
CA ASN A 226 -40.14 17.66 -5.14
C ASN A 226 -40.39 18.11 -6.57
N TYR A 227 -41.63 17.94 -7.03
CA TYR A 227 -42.03 18.34 -8.38
C TYR A 227 -43.44 18.92 -8.38
N LEU A 228 -43.81 19.56 -9.49
CA LEU A 228 -45.12 20.13 -9.74
C LEU A 228 -45.57 19.73 -11.13
N THR A 229 -46.64 18.93 -11.26
CA THR A 229 -47.14 18.49 -12.56
C THR A 229 -48.36 19.30 -12.97
N ILE A 230 -48.37 19.76 -14.21
CA ILE A 230 -49.48 20.51 -14.82
C ILE A 230 -50.17 19.50 -15.72
N ILE A 231 -51.46 19.25 -15.51
CA ILE A 231 -52.20 18.27 -16.32
C ILE A 231 -53.25 19.02 -17.13
N LEU A 232 -53.16 18.97 -18.47
CA LEU A 232 -54.11 19.60 -19.37
C LEU A 232 -55.30 18.67 -19.62
N PRO A 233 -56.49 19.19 -19.99
CA PRO A 233 -57.63 18.29 -20.27
C PRO A 233 -57.41 17.40 -21.50
N GLU A 234 -56.77 17.96 -22.55
CA GLU A 234 -56.45 17.22 -23.78
C GLU A 234 -55.13 17.73 -24.37
N LYS A 235 -54.61 17.01 -25.37
CA LYS A 235 -53.41 17.37 -26.11
C LYS A 235 -53.56 18.77 -26.69
N GLN A 236 -52.57 19.66 -26.50
CA GLN A 236 -52.63 21.00 -27.06
C GLN A 236 -51.26 21.65 -27.11
N SER A 237 -51.04 22.49 -28.12
CA SER A 237 -49.77 23.17 -28.36
C SER A 237 -49.61 24.36 -27.41
N LEU A 238 -48.63 24.29 -26.48
CA LEU A 238 -48.36 25.36 -25.50
C LEU A 238 -47.13 26.19 -25.84
N LYS A 239 -47.23 27.50 -25.61
CA LYS A 239 -46.17 28.48 -25.85
C LYS A 239 -45.27 28.62 -24.61
N GLY A 240 -45.82 28.42 -23.41
CA GLY A 240 -45.08 28.53 -22.15
C GLY A 240 -45.97 28.68 -20.93
N PHE A 241 -45.38 29.15 -19.81
CA PHE A 241 -46.09 29.35 -18.54
C PHE A 241 -45.66 30.60 -17.80
N ARG A 242 -46.55 31.10 -16.93
CA ARG A 242 -46.32 32.22 -16.01
C ARG A 242 -46.47 31.63 -14.62
N LEU A 243 -45.36 31.50 -13.89
CA LEU A 243 -45.34 30.97 -12.53
C LEU A 243 -45.13 32.12 -11.55
N ASP A 244 -46.16 32.50 -10.79
CA ASP A 244 -46.00 33.55 -9.79
C ASP A 244 -45.25 32.98 -8.62
N THR A 245 -44.19 33.65 -8.22
CA THR A 245 -43.31 33.17 -7.16
C THR A 245 -43.07 34.29 -6.16
N ASN A 246 -42.22 34.02 -5.17
CA ASN A 246 -41.95 34.97 -4.10
C ASN A 246 -41.23 36.22 -4.63
N THR A 247 -41.44 37.38 -3.98
CA THR A 247 -40.82 38.66 -4.37
C THR A 247 -39.70 39.08 -3.40
N SER A 248 -39.10 38.14 -2.65
CA SER A 248 -38.08 38.49 -1.66
C SER A 248 -36.88 39.22 -2.27
N PRO A 249 -36.42 40.36 -1.67
CA PRO A 249 -35.19 41.00 -2.17
C PRO A 249 -33.95 40.11 -2.03
N SER A 250 -33.93 39.16 -1.07
CA SER A 250 -32.82 38.21 -0.86
C SER A 250 -32.92 37.00 -1.82
N GLY A 251 -34.08 36.83 -2.43
CA GLY A 251 -34.35 35.74 -3.34
C GLY A 251 -34.85 34.48 -2.66
N SER A 252 -35.26 34.55 -1.37
CA SER A 252 -35.78 33.37 -0.68
C SER A 252 -37.15 33.00 -1.23
N TYR A 253 -37.30 31.73 -1.64
CA TYR A 253 -38.51 31.17 -2.22
C TYR A 253 -38.87 31.74 -3.60
N MSE A 254 -37.98 32.54 -4.22
CA MSE A 254 -38.20 33.13 -5.54
C MSE A 254 -37.61 32.20 -6.58
O MSE A 254 -36.39 32.03 -6.58
CB MSE A 254 -37.53 34.52 -5.62
CG MSE A 254 -37.52 35.14 -7.02
SE MSE A 254 -36.84 36.95 -7.07
CE MSE A 254 -35.16 36.70 -6.64
N LEU A 255 -38.44 31.57 -7.42
CA LEU A 255 -37.96 30.65 -8.45
C LEU A 255 -36.90 31.26 -9.36
N LYS A 256 -35.72 30.61 -9.44
CA LYS A 256 -34.63 31.02 -10.33
C LYS A 256 -34.53 30.04 -11.47
N SER A 257 -34.37 28.75 -11.15
CA SER A 257 -34.19 27.70 -12.16
C SER A 257 -34.97 26.44 -11.86
N CYS A 258 -35.23 25.65 -12.92
CA CYS A 258 -35.87 24.34 -12.84
C CYS A 258 -35.76 23.61 -14.18
N ARG A 259 -35.95 22.29 -14.13
CA ARG A 259 -35.92 21.37 -15.28
C ARG A 259 -37.34 21.19 -15.77
N VAL A 260 -37.61 21.43 -17.07
CA VAL A 260 -38.96 21.34 -17.62
C VAL A 260 -39.14 20.01 -18.39
N MSE A 261 -39.86 19.05 -17.78
CA MSE A 261 -40.19 17.75 -18.40
C MSE A 261 -41.52 17.88 -19.12
O MSE A 261 -42.42 18.51 -18.58
CB MSE A 261 -40.32 16.63 -17.36
CG MSE A 261 -39.14 16.51 -16.41
SE MSE A 261 -37.47 16.14 -17.32
CE MSE A 261 -37.88 14.42 -18.06
N VAL A 262 -41.67 17.27 -20.29
CA VAL A 262 -42.92 17.36 -21.05
C VAL A 262 -43.38 15.97 -21.46
N GLU A 263 -44.64 15.61 -21.11
CA GLU A 263 -45.22 14.33 -21.52
C GLU A 263 -45.82 14.51 -22.88
N THR A 264 -45.26 13.80 -23.84
CA THR A 264 -45.68 13.86 -25.25
C THR A 264 -47.01 13.07 -25.43
N PRO A 265 -47.66 13.19 -26.62
CA PRO A 265 -48.92 12.44 -26.82
C PRO A 265 -48.79 10.91 -26.73
N ASP A 266 -47.59 10.35 -27.02
CA ASP A 266 -47.37 8.90 -26.96
C ASP A 266 -47.04 8.39 -25.52
N GLY A 267 -47.00 9.28 -24.52
CA GLY A 267 -46.75 8.90 -23.13
C GLY A 267 -45.30 8.95 -22.67
N ASN A 268 -44.35 9.30 -23.56
CA ASN A 268 -42.94 9.39 -23.17
C ASN A 268 -42.65 10.77 -22.56
N TRP A 269 -41.79 10.81 -21.52
CA TRP A 269 -41.39 12.06 -20.86
C TRP A 269 -40.06 12.54 -21.43
N VAL A 270 -40.01 13.80 -21.90
CA VAL A 270 -38.80 14.37 -22.50
C VAL A 270 -38.39 15.65 -21.76
N ASN A 271 -37.07 15.82 -21.52
CA ASN A 271 -36.52 17.02 -20.88
C ASN A 271 -36.33 18.09 -21.96
N HIS A 272 -37.16 19.16 -21.93
CA HIS A 272 -37.11 20.22 -22.94
C HIS A 272 -36.05 21.29 -22.66
N GLY A 273 -35.34 21.18 -21.53
CA GLY A 273 -34.30 22.12 -21.16
C GLY A 273 -34.40 22.59 -19.73
N VAL A 274 -33.48 23.45 -19.35
CA VAL A 274 -33.43 24.02 -18.02
C VAL A 274 -33.81 25.49 -18.09
N PHE A 275 -34.80 25.89 -17.28
CA PHE A 275 -35.15 27.29 -17.11
C PHE A 275 -34.17 27.81 -16.09
N ASP A 276 -33.55 28.96 -16.33
CA ASP A 276 -32.58 29.55 -15.40
C ASP A 276 -32.52 31.05 -15.67
N ARG A 277 -33.45 31.81 -15.06
CA ARG A 277 -33.56 33.23 -15.31
C ARG A 277 -32.53 34.03 -14.51
N LYS A 278 -32.28 35.25 -15.00
CA LYS A 278 -31.35 36.20 -14.42
C LYS A 278 -32.08 37.46 -13.89
N SER A 279 -33.40 37.58 -14.09
CA SER A 279 -34.18 38.73 -13.63
C SER A 279 -34.91 38.37 -12.33
N MSE A 280 -34.74 39.17 -11.25
CA MSE A 280 -35.39 38.92 -9.96
C MSE A 280 -36.71 39.66 -9.85
O MSE A 280 -36.73 40.89 -9.86
CB MSE A 280 -34.49 39.38 -8.82
CG MSE A 280 -33.13 38.75 -8.81
SE MSE A 280 -32.23 38.88 -7.10
CE MSE A 280 -33.09 40.47 -6.32
N ASP A 281 -37.83 38.93 -9.74
CA ASP A 281 -39.16 39.51 -9.52
C ASP A 281 -40.14 38.37 -9.20
N GLY A 282 -41.39 38.71 -8.87
CA GLY A 282 -42.41 37.73 -8.54
C GLY A 282 -43.08 37.02 -9.68
N ILE A 283 -42.80 37.37 -10.95
CA ILE A 283 -43.44 36.71 -12.11
C ILE A 283 -42.38 36.02 -12.97
N ALA A 284 -42.35 34.67 -12.95
CA ALA A 284 -41.42 33.89 -13.76
C ALA A 284 -42.12 33.46 -15.04
N TYR A 285 -41.57 33.82 -16.21
CA TYR A 285 -42.14 33.45 -17.51
C TYR A 285 -41.26 32.38 -18.12
N ILE A 286 -41.76 31.14 -18.18
CA ILE A 286 -41.02 30.01 -18.76
C ILE A 286 -41.55 29.82 -20.17
N SER A 287 -40.73 30.02 -21.21
CA SER A 287 -41.19 29.93 -22.61
C SER A 287 -40.54 28.84 -23.39
N PHE A 288 -41.32 28.16 -24.24
CA PHE A 288 -40.80 27.16 -25.16
C PHE A 288 -40.29 27.88 -26.40
N LYS A 289 -39.03 27.63 -26.81
CA LYS A 289 -38.46 28.24 -28.03
C LYS A 289 -39.31 27.87 -29.25
N LYS A 290 -39.73 26.60 -29.30
CA LYS A 290 -40.62 26.05 -30.30
C LYS A 290 -41.84 25.53 -29.56
N PRO A 291 -43.09 26.05 -29.79
CA PRO A 291 -44.26 25.49 -29.07
C PRO A 291 -44.36 23.97 -29.20
N VAL A 292 -44.83 23.29 -28.12
CA VAL A 292 -44.87 21.83 -28.08
C VAL A 292 -46.26 21.29 -27.75
N GLU A 293 -46.69 20.26 -28.50
CA GLU A 293 -47.96 19.56 -28.24
C GLU A 293 -47.72 18.61 -27.07
N CYS A 294 -48.49 18.76 -25.99
CA CYS A 294 -48.31 17.93 -24.81
C CYS A 294 -49.60 17.76 -24.03
N THR A 295 -49.61 16.72 -23.19
CA THR A 295 -50.71 16.36 -22.30
C THR A 295 -50.42 16.86 -20.89
N LYS A 296 -49.15 16.77 -20.45
CA LYS A 296 -48.69 17.22 -19.14
C LYS A 296 -47.31 17.87 -19.21
N VAL A 297 -46.99 18.73 -18.23
CA VAL A 297 -45.69 19.38 -18.07
C VAL A 297 -45.33 19.26 -16.59
N ARG A 298 -44.09 18.86 -16.26
CA ARG A 298 -43.65 18.67 -14.88
C ARG A 298 -42.38 19.45 -14.61
N PHE A 299 -42.41 20.29 -13.57
CA PHE A 299 -41.27 21.10 -13.16
C PHE A 299 -40.53 20.37 -12.08
N GLU A 300 -39.23 20.14 -12.26
CA GLU A 300 -38.38 19.41 -11.31
C GLU A 300 -37.14 20.22 -10.94
N ASN A 301 -36.46 19.83 -9.86
CA ASN A 301 -35.22 20.46 -9.41
C ASN A 301 -35.38 21.99 -9.32
N MSE A 302 -36.47 22.42 -8.67
CA MSE A 302 -36.79 23.85 -8.57
C MSE A 302 -35.94 24.53 -7.50
O MSE A 302 -36.10 24.23 -6.31
CB MSE A 302 -38.28 24.05 -8.28
CG MSE A 302 -39.19 23.33 -9.26
SE MSE A 302 -41.05 23.61 -8.89
CE MSE A 302 -41.30 25.23 -9.92
N MSE A 303 -35.03 25.42 -7.95
CA MSE A 303 -34.13 26.19 -7.09
C MSE A 303 -34.50 27.66 -7.03
O MSE A 303 -34.83 28.26 -8.06
CB MSE A 303 -32.69 26.08 -7.60
CG MSE A 303 -31.66 26.40 -6.53
SE MSE A 303 -29.92 26.65 -7.27
CE MSE A 303 -30.09 28.41 -8.02
N ALA A 304 -34.36 28.27 -5.83
CA ALA A 304 -34.61 29.69 -5.63
C ALA A 304 -33.35 30.52 -5.92
N PHE A 305 -33.47 31.85 -6.01
CA PHE A 305 -32.29 32.72 -6.24
C PHE A 305 -31.29 32.68 -5.07
N ASN A 306 -31.75 32.37 -3.84
CA ASN A 306 -30.84 32.31 -2.71
C ASN A 306 -30.03 30.97 -2.69
N GLY A 307 -30.22 30.10 -3.69
CA GLY A 307 -29.50 28.84 -3.80
C GLY A 307 -30.18 27.65 -3.16
N ARG A 308 -31.18 27.86 -2.26
CA ARG A 308 -31.88 26.77 -1.58
C ARG A 308 -32.92 26.16 -2.51
N PHE A 309 -33.16 24.83 -2.41
CA PHE A 309 -34.14 24.13 -3.25
C PHE A 309 -35.54 24.15 -2.61
N SER A 310 -36.08 25.37 -2.45
CA SER A 310 -37.42 25.61 -1.94
C SER A 310 -37.95 26.85 -2.62
N VAL A 311 -38.98 26.71 -3.47
CA VAL A 311 -39.56 27.84 -4.19
C VAL A 311 -41.07 27.90 -3.93
N ASP A 312 -41.62 29.13 -4.01
CA ASP A 312 -43.05 29.39 -3.91
C ASP A 312 -43.64 29.39 -5.30
N VAL A 313 -44.84 28.83 -5.47
CA VAL A 313 -45.59 28.94 -6.71
C VAL A 313 -46.97 29.34 -6.24
N ASN A 314 -47.32 30.62 -6.45
CA ASN A 314 -48.55 31.25 -5.98
C ASN A 314 -49.70 31.13 -6.98
N GLU A 315 -49.37 30.99 -8.28
CA GLU A 315 -50.35 30.88 -9.36
C GLU A 315 -49.63 30.35 -10.61
N VAL A 316 -50.29 29.48 -11.39
CA VAL A 316 -49.75 28.90 -12.63
C VAL A 316 -50.69 29.27 -13.77
N THR A 317 -50.15 29.84 -14.86
CA THR A 317 -50.93 30.24 -16.04
C THR A 317 -50.24 29.69 -17.27
N ALA A 318 -50.95 28.92 -18.12
CA ALA A 318 -50.40 28.36 -19.35
C ALA A 318 -50.83 29.24 -20.54
N PHE A 319 -50.09 29.22 -21.66
CA PHE A 319 -50.38 30.04 -22.84
C PHE A 319 -50.45 29.22 -24.13
N ARG A 320 -51.52 29.44 -24.97
CA ARG A 320 -51.70 28.76 -26.27
C ARG A 320 -51.43 29.71 -27.45
N LYS B 19 8.96 -2.03 43.01
CA LYS B 19 9.89 -3.02 42.42
C LYS B 19 9.12 -4.09 41.63
N TYR B 20 9.73 -4.58 40.53
CA TYR B 20 9.13 -5.63 39.69
C TYR B 20 9.44 -7.03 40.22
N ILE B 21 8.38 -7.81 40.43
CA ILE B 21 8.45 -9.20 40.89
C ILE B 21 7.63 -10.01 39.88
N GLU B 22 8.13 -11.18 39.46
CA GLU B 22 7.43 -12.01 38.48
C GLU B 22 6.18 -12.60 39.13
N GLU B 23 5.09 -12.74 38.38
CA GLU B 23 3.81 -13.19 38.94
C GLU B 23 3.90 -14.58 39.60
N ASP B 24 4.65 -15.53 39.01
CA ASP B 24 4.76 -16.88 39.56
C ASP B 24 5.47 -16.92 40.92
N ILE B 25 6.53 -16.12 41.11
CA ILE B 25 7.24 -16.09 42.39
C ILE B 25 6.50 -15.15 43.38
N ARG B 26 5.70 -14.18 42.88
CA ARG B 26 4.88 -13.32 43.75
C ARG B 26 3.78 -14.18 44.42
N GLU B 27 3.27 -15.21 43.70
CA GLU B 27 2.28 -16.15 44.25
C GLU B 27 2.91 -17.00 45.35
N GLN B 28 4.16 -17.47 45.13
CA GLN B 28 4.87 -18.27 46.12
C GLN B 28 5.15 -17.44 47.38
N LEU B 29 5.49 -16.15 47.24
CA LEU B 29 5.71 -15.27 48.40
C LEU B 29 4.41 -15.04 49.18
N GLY B 30 3.28 -15.07 48.48
CA GLY B 30 1.97 -14.92 49.09
C GLY B 30 1.59 -16.11 49.94
N ILE B 31 1.79 -17.34 49.41
CA ILE B 31 1.43 -18.56 50.15
C ILE B 31 2.42 -18.81 51.31
N ASP B 32 3.67 -18.35 51.19
CA ASP B 32 4.68 -18.51 52.25
C ASP B 32 5.54 -17.25 52.31
N PRO B 33 5.13 -16.24 53.10
CA PRO B 33 5.95 -15.02 53.21
C PRO B 33 7.11 -15.14 54.21
N PHE B 34 7.45 -16.37 54.68
CA PHE B 34 8.52 -16.59 55.65
C PHE B 34 9.76 -17.28 55.03
N THR B 35 9.87 -17.27 53.68
CA THR B 35 11.00 -17.84 52.96
C THR B 35 11.39 -16.92 51.83
N ASP B 36 12.62 -16.37 51.85
CA ASP B 36 13.13 -15.58 50.73
C ASP B 36 13.46 -16.55 49.63
N LEU B 37 13.13 -16.22 48.38
CA LEU B 37 13.37 -17.15 47.28
C LEU B 37 14.52 -16.68 46.41
N VAL B 38 15.35 -17.65 45.96
CA VAL B 38 16.48 -17.41 45.04
C VAL B 38 16.07 -18.03 43.71
N TYR B 39 16.15 -17.27 42.61
CA TYR B 39 15.69 -17.77 41.31
C TYR B 39 16.44 -17.13 40.15
N LEU B 40 16.18 -17.63 38.94
CA LEU B 40 16.82 -17.15 37.70
C LEU B 40 16.03 -15.97 37.09
N GLY B 41 16.74 -14.89 36.80
CA GLY B 41 16.17 -13.71 36.16
C GLY B 41 16.33 -13.80 34.65
N TYR B 42 15.21 -13.81 33.91
CA TYR B 42 15.25 -13.88 32.44
C TYR B 42 13.92 -13.46 31.84
N TYR B 43 13.99 -12.80 30.66
CA TYR B 43 12.79 -12.37 29.95
C TYR B 43 12.26 -13.50 29.09
N GLY B 44 10.95 -13.68 29.08
CA GLY B 44 10.30 -14.69 28.28
C GLY B 44 10.53 -16.10 28.77
N ASN B 45 10.74 -17.04 27.82
CA ASN B 45 10.95 -18.46 28.12
C ASN B 45 12.40 -18.77 28.54
N PRO B 46 12.60 -19.86 29.30
CA PRO B 46 13.97 -20.25 29.68
C PRO B 46 14.66 -21.04 28.55
N TYR B 47 14.93 -20.39 27.42
CA TYR B 47 15.50 -21.06 26.26
C TYR B 47 16.37 -20.14 25.44
N THR B 48 17.58 -20.62 25.06
CA THR B 48 18.52 -19.90 24.20
C THR B 48 19.04 -20.82 23.14
N GLN B 49 18.96 -20.41 21.88
CA GLN B 49 19.47 -21.17 20.76
C GLN B 49 20.84 -20.60 20.36
N LEU B 50 21.91 -21.39 20.52
CA LEU B 50 23.28 -20.98 20.18
C LEU B 50 23.65 -21.48 18.78
N GLU B 51 24.47 -20.71 18.03
CA GLU B 51 24.89 -21.09 16.68
C GLU B 51 26.38 -21.39 16.64
N ALA B 52 26.74 -22.44 15.89
CA ALA B 52 28.10 -22.88 15.69
C ALA B 52 28.31 -23.25 14.21
N ILE B 53 29.57 -23.25 13.74
CA ILE B 53 29.87 -23.60 12.35
C ILE B 53 31.05 -24.56 12.28
N ASN B 54 30.98 -25.52 11.35
CA ASN B 54 32.02 -26.52 11.11
C ASN B 54 32.56 -26.33 9.68
N ASP B 55 33.88 -26.41 9.52
CA ASP B 55 34.56 -26.23 8.22
C ASP B 55 35.13 -27.57 7.75
N LEU B 56 34.51 -28.70 8.18
CA LEU B 56 34.92 -30.07 7.93
C LEU B 56 36.24 -30.42 8.65
N VAL B 57 36.67 -29.58 9.62
CA VAL B 57 37.89 -29.81 10.40
C VAL B 57 37.58 -29.53 11.88
N ASN B 58 37.14 -28.29 12.20
CA ASN B 58 36.81 -27.90 13.57
C ASN B 58 35.51 -27.12 13.65
N THR B 59 34.79 -27.31 14.78
CA THR B 59 33.57 -26.60 15.13
C THR B 59 33.91 -25.35 15.94
N THR B 60 33.33 -24.20 15.58
CA THR B 60 33.56 -22.93 16.28
C THR B 60 32.22 -22.30 16.60
N LEU B 61 32.12 -21.61 17.74
CA LEU B 61 30.90 -20.93 18.14
C LEU B 61 30.82 -19.57 17.47
N VAL B 62 29.66 -19.28 16.85
CA VAL B 62 29.36 -17.99 16.22
C VAL B 62 29.03 -17.07 17.38
N GLY B 63 29.98 -16.25 17.78
CA GLY B 63 29.79 -15.35 18.93
C GLY B 63 30.49 -15.86 20.17
N LYS B 64 30.08 -15.34 21.34
CA LYS B 64 30.77 -15.72 22.59
C LYS B 64 30.39 -17.13 23.00
N ASN B 65 31.34 -17.80 23.68
CA ASN B 65 31.18 -19.17 24.21
C ASN B 65 30.77 -19.14 25.68
N GLU B 66 30.46 -17.94 26.22
CA GLU B 66 30.06 -17.73 27.60
C GLU B 66 28.62 -17.33 27.64
N LEU B 67 27.89 -17.89 28.58
CA LEU B 67 26.49 -17.56 28.81
C LEU B 67 26.35 -17.07 30.22
N SER B 68 26.00 -15.78 30.40
CA SER B 68 25.85 -15.18 31.71
C SER B 68 24.37 -15.17 32.11
N PHE B 69 24.02 -15.77 33.26
CA PHE B 69 22.65 -15.86 33.78
C PHE B 69 22.49 -15.00 35.03
N LYS B 70 21.41 -14.20 35.10
CA LYS B 70 21.13 -13.36 36.27
C LYS B 70 20.45 -14.20 37.35
N VAL B 71 20.90 -14.08 38.62
CA VAL B 71 20.32 -14.81 39.74
C VAL B 71 19.78 -13.80 40.72
N LYS B 72 18.44 -13.78 40.93
CA LYS B 72 17.79 -12.83 41.83
C LYS B 72 17.40 -13.48 43.18
N VAL B 73 17.27 -12.64 44.23
CA VAL B 73 16.78 -13.01 45.56
C VAL B 73 15.62 -12.04 45.83
N THR B 74 14.52 -12.53 46.41
CA THR B 74 13.31 -11.70 46.60
C THR B 74 13.47 -10.53 47.57
N LYS B 75 14.38 -10.64 48.56
CA LYS B 75 14.58 -9.63 49.59
C LYS B 75 16.05 -9.65 50.01
N PRO B 76 16.70 -8.53 50.41
CA PRO B 76 18.11 -8.64 50.82
C PRO B 76 18.28 -9.57 52.00
N TYR B 77 19.29 -10.45 51.94
CA TYR B 77 19.53 -11.49 52.94
C TYR B 77 20.70 -11.08 53.86
N LYS B 78 20.62 -11.51 55.13
CA LYS B 78 21.57 -11.20 56.22
C LYS B 78 23.04 -11.59 55.96
N GLU B 79 23.30 -12.64 55.16
CA GLU B 79 24.65 -13.14 54.88
C GLU B 79 24.83 -13.43 53.38
N ASP B 80 26.09 -13.71 52.96
CA ASP B 80 26.40 -13.99 51.55
C ASP B 80 25.85 -15.35 51.16
N ILE B 81 25.27 -15.47 49.95
CA ILE B 81 24.72 -16.72 49.42
C ILE B 81 25.52 -17.12 48.19
N LYS B 82 26.23 -18.26 48.24
CA LYS B 82 26.99 -18.74 47.09
C LYS B 82 26.03 -19.52 46.20
N VAL B 83 25.93 -19.14 44.93
CA VAL B 83 25.04 -19.79 43.95
C VAL B 83 25.83 -20.27 42.75
N ASN B 84 25.33 -21.31 42.10
CA ASN B 84 25.98 -21.86 40.91
C ASN B 84 24.99 -22.66 40.09
N LEU B 85 25.34 -22.95 38.83
CA LEU B 85 24.52 -23.79 37.94
C LEU B 85 25.11 -25.18 37.85
N MSE B 86 24.29 -26.15 37.51
CA MSE B 86 24.77 -27.51 37.29
C MSE B 86 24.02 -28.13 36.15
O MSE B 86 22.88 -27.74 35.88
CB MSE B 86 24.69 -28.36 38.56
CG MSE B 86 23.29 -28.78 38.97
SE MSE B 86 23.40 -30.19 40.28
CE MSE B 86 23.67 -31.73 39.04
N LYS B 87 24.65 -29.07 35.47
CA LYS B 87 24.06 -29.75 34.33
C LYS B 87 23.20 -30.89 34.82
N GLU B 88 21.88 -30.73 34.73
CA GLU B 88 20.94 -31.78 35.11
C GLU B 88 20.24 -32.24 33.82
N ASP B 89 20.79 -33.30 33.20
CA ASP B 89 20.29 -33.86 31.94
C ASP B 89 18.88 -34.46 32.04
N LYS B 90 18.45 -34.88 33.25
CA LYS B 90 17.12 -35.46 33.48
C LYS B 90 15.98 -34.51 33.04
N LEU B 91 16.20 -33.18 33.12
CA LEU B 91 15.19 -32.17 32.73
C LEU B 91 14.96 -32.09 31.21
N VAL B 92 15.81 -32.70 30.37
CA VAL B 92 15.64 -32.64 28.91
C VAL B 92 14.45 -33.49 28.43
N THR B 93 14.27 -34.70 29.02
CA THR B 93 13.20 -35.67 28.68
C THR B 93 11.78 -35.06 28.69
N ASP B 94 11.47 -34.20 29.69
CA ASP B 94 10.13 -33.57 29.81
C ASP B 94 9.78 -32.64 28.63
N PHE B 95 10.79 -32.13 27.88
CA PHE B 95 10.57 -31.27 26.71
C PHE B 95 11.04 -32.03 25.44
N PRO B 96 10.26 -33.02 24.95
CA PRO B 96 10.70 -33.78 23.76
C PRO B 96 10.58 -33.02 22.44
N GLU B 97 9.94 -31.82 22.40
CA GLU B 97 9.81 -31.05 21.16
C GLU B 97 11.19 -30.57 20.68
N MSE B 98 11.93 -29.87 21.55
CA MSE B 98 13.25 -29.36 21.21
C MSE B 98 14.33 -30.46 21.21
O MSE B 98 15.30 -30.33 20.46
CB MSE B 98 13.67 -28.21 22.16
CG MSE B 98 13.68 -28.55 23.66
SE MSE B 98 15.27 -27.90 24.60
CE MSE B 98 15.21 -29.12 26.11
N ALA B 99 14.17 -31.54 22.03
CA ALA B 99 15.16 -32.64 22.13
C ALA B 99 14.66 -33.93 21.45
N GLU B 100 14.13 -33.80 20.21
CA GLU B 100 13.63 -34.96 19.47
C GLU B 100 14.79 -35.61 18.69
N GLY B 101 15.47 -36.56 19.33
CA GLY B 101 16.60 -37.26 18.73
C GLY B 101 17.84 -36.41 18.52
N ILE B 102 18.12 -35.49 19.46
CA ILE B 102 19.29 -34.60 19.44
C ILE B 102 20.20 -35.03 20.58
N PRO B 103 21.50 -35.30 20.36
CA PRO B 103 22.35 -35.77 21.47
C PRO B 103 22.56 -34.73 22.55
N LEU B 104 22.92 -35.17 23.76
CA LEU B 104 23.19 -34.26 24.86
C LEU B 104 24.55 -33.63 24.67
N PHE B 105 24.65 -32.33 24.99
CA PHE B 105 25.94 -31.64 24.92
C PHE B 105 26.85 -32.24 26.00
N PRO B 106 28.04 -32.79 25.69
CA PRO B 106 28.85 -33.44 26.74
C PRO B 106 29.12 -32.55 27.96
N SER B 107 29.00 -33.14 29.17
CA SER B 107 29.22 -32.44 30.44
C SER B 107 30.65 -31.93 30.59
N GLU B 108 31.63 -32.71 30.09
CA GLU B 108 33.05 -32.34 30.14
C GLU B 108 33.34 -31.02 29.40
N ASN B 109 32.53 -30.68 28.36
CA ASN B 109 32.69 -29.44 27.60
C ASN B 109 32.02 -28.22 28.27
N CYS B 110 31.38 -28.37 29.47
CA CYS B 110 30.78 -27.26 30.22
C CYS B 110 31.71 -26.86 31.35
N THR B 111 31.80 -25.56 31.62
CA THR B 111 32.57 -25.05 32.75
C THR B 111 31.67 -24.02 33.41
N PHE B 112 31.23 -24.34 34.64
CA PHE B 112 30.33 -23.50 35.42
C PHE B 112 31.09 -22.65 36.42
N GLU B 113 30.93 -21.31 36.31
CA GLU B 113 31.54 -20.33 37.20
C GLU B 113 30.43 -19.87 38.14
N GLY B 114 30.68 -19.97 39.43
CA GLY B 114 29.70 -19.58 40.45
C GLY B 114 29.58 -18.09 40.63
N GLY B 115 28.60 -17.73 41.45
CA GLY B 115 28.30 -16.34 41.81
C GLY B 115 28.05 -16.23 43.31
N VAL B 116 28.07 -15.01 43.83
CA VAL B 116 27.85 -14.76 45.25
C VAL B 116 26.90 -13.58 45.43
N LEU B 117 25.69 -13.82 45.96
CA LEU B 117 24.75 -12.75 46.30
C LEU B 117 25.24 -12.20 47.63
N LYS B 118 26.05 -11.13 47.61
CA LYS B 118 26.64 -10.60 48.84
C LYS B 118 25.56 -9.98 49.74
N ALA B 119 25.70 -10.17 51.07
CA ALA B 119 24.75 -9.66 52.07
C ALA B 119 24.31 -8.25 51.73
N GLY B 120 23.02 -8.09 51.40
CA GLY B 120 22.44 -6.80 51.03
C GLY B 120 22.10 -6.69 49.55
N GLU B 121 22.80 -7.46 48.68
CA GLU B 121 22.54 -7.44 47.25
C GLU B 121 21.25 -8.19 46.92
N LEU B 122 20.68 -7.86 45.74
CA LEU B 122 19.47 -8.50 45.22
C LEU B 122 19.78 -9.34 43.96
N GLU B 123 20.96 -9.15 43.32
CA GLU B 123 21.29 -9.88 42.10
C GLU B 123 22.76 -10.27 42.05
N THR B 124 23.06 -11.27 41.22
CA THR B 124 24.42 -11.72 40.91
C THR B 124 24.35 -12.42 39.55
N THR B 125 25.48 -12.94 39.06
CA THR B 125 25.53 -13.66 37.79
C THR B 125 26.31 -14.96 37.98
N VAL B 126 25.91 -15.98 37.21
CA VAL B 126 26.55 -17.30 37.16
C VAL B 126 26.85 -17.56 35.69
N LYS B 127 28.06 -18.05 35.38
CA LYS B 127 28.52 -18.21 34.01
C LYS B 127 28.62 -19.67 33.58
N LEU B 128 28.27 -19.94 32.32
CA LEU B 128 28.40 -21.25 31.68
C LEU B 128 29.28 -21.02 30.48
N THR B 129 30.47 -21.64 30.45
CA THR B 129 31.40 -21.50 29.34
C THR B 129 31.46 -22.84 28.60
N LEU B 130 31.25 -22.81 27.27
CA LEU B 130 31.30 -23.99 26.40
C LEU B 130 32.72 -24.14 25.86
N LYS B 131 33.55 -24.94 26.55
CA LYS B 131 34.97 -25.13 26.20
C LYS B 131 35.22 -26.33 25.25
N ASP B 132 36.31 -26.22 24.46
CA ASP B 132 36.83 -27.21 23.52
C ASP B 132 35.74 -27.92 22.70
N VAL B 133 34.92 -27.12 22.00
CA VAL B 133 33.86 -27.64 21.15
C VAL B 133 34.41 -28.17 19.82
N GLU B 134 35.67 -27.82 19.45
CA GLU B 134 36.36 -28.24 18.21
C GLU B 134 35.86 -29.54 17.58
N LYS B 135 35.94 -30.65 18.32
CA LYS B 135 35.62 -31.98 17.79
C LYS B 135 34.14 -32.43 18.00
N LEU B 136 33.22 -31.48 18.34
CA LEU B 136 31.77 -31.73 18.44
C LEU B 136 31.17 -31.39 17.08
N ASN B 137 31.09 -32.39 16.18
CA ASN B 137 30.67 -32.19 14.80
C ASN B 137 29.33 -32.87 14.44
N ASN B 138 28.41 -33.03 15.41
CA ASN B 138 27.10 -33.62 15.12
C ASN B 138 26.21 -32.55 14.47
N LEU B 139 25.81 -32.75 13.20
CA LEU B 139 25.04 -31.75 12.44
C LEU B 139 23.62 -31.51 13.01
N SER B 140 22.98 -32.50 13.63
CA SER B 140 21.66 -32.29 14.24
C SER B 140 21.76 -31.34 15.48
N GLY B 141 22.99 -31.09 15.96
CA GLY B 141 23.24 -30.18 17.06
C GLY B 141 23.35 -30.90 18.37
N TYR B 142 23.30 -30.13 19.46
CA TYR B 142 23.37 -30.65 20.82
C TYR B 142 22.35 -29.89 21.68
N VAL B 143 21.89 -30.50 22.78
CA VAL B 143 20.91 -29.87 23.66
C VAL B 143 21.31 -30.11 25.12
N MSE B 144 20.95 -29.19 26.02
CA MSE B 144 21.26 -29.38 27.43
C MSE B 144 20.34 -28.58 28.35
O MSE B 144 19.81 -27.54 27.95
CB MSE B 144 22.71 -29.01 27.73
CG MSE B 144 23.08 -27.58 27.42
SE MSE B 144 24.84 -27.19 28.07
CE MSE B 144 24.44 -26.99 29.88
N ALA B 145 20.19 -29.07 29.59
CA ALA B 145 19.39 -28.45 30.64
C ALA B 145 20.28 -28.20 31.84
N ILE B 146 20.07 -27.06 32.51
CA ILE B 146 20.84 -26.64 33.68
C ILE B 146 19.91 -26.19 34.79
N LYS B 147 20.29 -26.44 36.06
CA LYS B 147 19.47 -26.03 37.21
C LYS B 147 20.30 -25.20 38.17
N LEU B 148 19.64 -24.25 38.84
CA LEU B 148 20.28 -23.38 39.83
C LEU B 148 20.44 -24.13 41.15
N THR B 149 21.58 -23.92 41.85
CA THR B 149 21.88 -24.56 43.13
C THR B 149 22.46 -23.57 44.13
N MSE B 150 22.40 -23.92 45.42
CA MSE B 150 22.99 -23.14 46.52
C MSE B 150 24.03 -24.01 47.18
O MSE B 150 23.79 -25.20 47.37
CB MSE B 150 21.93 -22.73 47.53
CG MSE B 150 21.08 -21.57 47.08
SE MSE B 150 19.95 -20.93 48.50
CE MSE B 150 19.06 -22.60 49.01
N GLU B 151 25.18 -23.42 47.56
CA GLU B 151 26.30 -24.17 48.15
C GLU B 151 25.95 -24.68 49.55
N GLY B 152 25.76 -23.75 50.49
CA GLY B 152 25.51 -24.11 51.88
C GLY B 152 24.06 -24.27 52.22
N SER B 153 23.79 -24.25 53.52
CA SER B 153 22.46 -24.31 54.11
C SER B 153 22.24 -22.96 54.78
N HIS B 154 21.22 -22.21 54.31
CA HIS B 154 20.87 -20.88 54.81
C HIS B 154 19.45 -20.96 55.36
N GLU B 155 19.19 -20.32 56.52
CA GLU B 155 17.89 -20.39 57.18
C GLU B 155 16.84 -19.46 56.52
N HIS B 156 15.62 -19.96 56.32
CA HIS B 156 14.50 -19.21 55.72
C HIS B 156 14.88 -18.69 54.34
N LEU B 157 15.51 -19.56 53.54
CA LEU B 157 15.96 -19.28 52.19
C LEU B 157 15.87 -20.55 51.37
N ALA B 158 15.40 -20.44 50.12
CA ALA B 158 15.26 -21.60 49.24
C ALA B 158 15.27 -21.22 47.77
N ILE B 159 15.54 -22.19 46.90
CA ILE B 159 15.48 -21.96 45.45
C ILE B 159 14.00 -22.05 45.09
N ALA B 160 13.48 -21.08 44.30
CA ALA B 160 12.06 -21.07 43.93
C ALA B 160 11.64 -22.34 43.17
N ARG B 161 10.36 -22.73 43.31
CA ARG B 161 9.82 -23.93 42.66
C ARG B 161 9.97 -23.78 41.12
N THR B 162 9.47 -22.66 40.60
CA THR B 162 9.57 -22.28 39.18
C THR B 162 10.78 -21.35 39.01
N ARG B 163 11.16 -21.04 37.75
CA ARG B 163 12.30 -20.16 37.40
C ARG B 163 13.62 -20.60 38.07
N SER B 164 13.86 -21.92 38.16
CA SER B 164 15.10 -22.48 38.73
C SER B 164 15.90 -23.29 37.69
N SER B 165 15.36 -23.53 36.47
CA SER B 165 16.03 -24.29 35.42
C SER B 165 16.01 -23.56 34.08
N TYR B 166 16.98 -23.88 33.21
CA TYR B 166 17.15 -23.26 31.88
C TYR B 166 17.54 -24.30 30.83
N PHE B 167 17.15 -24.06 29.57
CA PHE B 167 17.44 -24.95 28.44
C PHE B 167 18.27 -24.25 27.37
N VAL B 168 19.27 -24.96 26.82
CA VAL B 168 20.16 -24.43 25.78
C VAL B 168 20.26 -25.43 24.64
N LYS B 169 20.24 -24.94 23.39
CA LYS B 169 20.37 -25.76 22.17
C LYS B 169 21.50 -25.22 21.31
N LEU B 170 22.48 -26.07 20.96
CA LEU B 170 23.59 -25.67 20.09
C LEU B 170 23.31 -26.14 18.66
N ASN B 171 22.92 -25.22 17.76
CA ASN B 171 22.66 -25.57 16.37
C ASN B 171 23.97 -25.52 15.62
N LEU B 172 24.21 -26.53 14.79
CA LEU B 172 25.44 -26.68 14.03
C LEU B 172 25.15 -26.70 12.54
N SER B 173 25.98 -26.01 11.74
CA SER B 173 25.83 -25.91 10.27
C SER B 173 27.21 -25.83 9.61
N ILE B 174 27.37 -26.44 8.40
CA ILE B 174 28.68 -26.46 7.72
C ILE B 174 28.95 -25.15 6.99
N ARG B 175 30.17 -24.62 7.16
CA ARG B 175 30.65 -23.42 6.46
C ARG B 175 32.16 -23.49 6.30
N LEU B 176 32.62 -23.51 5.05
CA LEU B 176 34.06 -23.55 4.78
C LEU B 176 34.63 -22.15 4.92
N ASP B 177 35.94 -22.05 5.13
CA ASP B 177 36.61 -20.76 5.20
C ASP B 177 37.33 -20.59 3.86
N ASN B 178 36.53 -20.44 2.79
CA ASN B 178 37.04 -20.38 1.42
C ASN B 178 36.67 -19.10 0.67
N ILE B 179 36.36 -17.99 1.37
CA ILE B 179 36.04 -16.71 0.71
C ILE B 179 37.01 -15.65 1.22
N ASP B 180 37.76 -15.03 0.29
CA ASP B 180 38.70 -13.95 0.59
C ASP B 180 37.99 -12.60 0.40
N SER B 181 38.01 -11.76 1.46
CA SER B 181 37.34 -10.46 1.48
C SER B 181 38.32 -9.26 1.33
N SER B 182 39.51 -9.49 0.76
CA SER B 182 40.50 -8.43 0.57
C SER B 182 40.05 -7.40 -0.49
N ASN B 183 39.14 -7.80 -1.40
CA ASN B 183 38.65 -6.94 -2.48
C ASN B 183 39.74 -6.61 -3.52
N LYS B 184 40.83 -7.40 -3.55
CA LYS B 184 41.90 -7.22 -4.52
C LYS B 184 41.35 -7.65 -5.88
N LYS B 185 41.74 -6.95 -6.95
CA LYS B 185 41.30 -7.25 -8.32
C LYS B 185 41.62 -8.71 -8.66
N ILE B 186 40.67 -9.45 -9.26
CA ILE B 186 40.85 -10.85 -9.61
C ILE B 186 41.67 -10.88 -10.90
N GLU B 187 42.88 -11.46 -10.86
CA GLU B 187 43.74 -11.46 -12.06
C GLU B 187 43.44 -12.68 -12.93
N GLY B 188 42.49 -12.50 -13.85
CA GLY B 188 42.06 -13.56 -14.77
C GLY B 188 41.27 -13.07 -15.96
N LYS B 189 40.80 -14.03 -16.79
CA LYS B 189 39.99 -13.75 -17.98
C LYS B 189 38.51 -13.70 -17.58
N GLY B 190 37.93 -12.50 -17.57
CA GLY B 190 36.53 -12.30 -17.18
C GLY B 190 35.55 -12.77 -18.23
N PHE B 191 34.37 -13.26 -17.80
CA PHE B 191 33.30 -13.69 -18.71
C PHE B 191 31.92 -13.58 -18.07
N ASN B 192 30.86 -13.38 -18.89
CA ASN B 192 29.48 -13.38 -18.41
C ASN B 192 28.38 -13.50 -19.51
N LYS B 193 28.68 -13.58 -20.81
CA LYS B 193 27.62 -13.70 -21.81
C LYS B 193 26.92 -15.05 -21.74
N GLU B 194 27.69 -16.13 -21.46
CA GLU B 194 27.12 -17.47 -21.34
C GLU B 194 26.43 -17.73 -19.97
N ILE B 195 26.61 -16.83 -18.98
CA ILE B 195 26.01 -16.99 -17.65
C ILE B 195 24.51 -16.64 -17.69
N SER B 196 23.70 -17.38 -16.93
CA SER B 196 22.26 -17.16 -16.75
C SER B 196 22.04 -16.80 -15.28
N PHE B 197 20.97 -16.05 -14.98
CA PHE B 197 20.68 -15.63 -13.61
C PHE B 197 19.26 -15.95 -13.19
N LYS B 198 19.10 -16.27 -11.90
CA LYS B 198 17.80 -16.54 -11.29
C LYS B 198 17.75 -15.79 -9.96
N SER B 199 16.56 -15.30 -9.60
CA SER B 199 16.36 -14.58 -8.35
C SER B 199 14.90 -14.61 -7.93
N ASP B 200 14.64 -14.51 -6.61
CA ASP B 200 13.28 -14.46 -6.10
C ASP B 200 12.67 -13.07 -6.23
N ILE B 201 13.50 -12.02 -6.45
CA ILE B 201 13.02 -10.64 -6.60
C ILE B 201 13.48 -10.06 -7.94
N ARG B 202 12.61 -9.26 -8.58
CA ARG B 202 12.87 -8.59 -9.86
C ARG B 202 13.53 -9.51 -10.89
N PRO B 203 12.98 -10.71 -11.16
CA PRO B 203 13.61 -11.59 -12.16
C PRO B 203 13.67 -10.95 -13.56
N ASP B 204 12.65 -10.14 -13.88
CA ASP B 204 12.54 -9.38 -15.14
C ASP B 204 13.70 -8.37 -15.36
N LYS B 205 14.39 -7.95 -14.28
CA LYS B 205 15.51 -6.98 -14.36
C LYS B 205 16.88 -7.66 -14.33
N LEU B 206 16.97 -8.99 -14.48
CA LEU B 206 18.26 -9.70 -14.40
C LEU B 206 19.10 -9.61 -15.69
N GLY B 207 18.51 -9.13 -16.80
CA GLY B 207 19.24 -8.97 -18.06
C GLY B 207 20.36 -7.96 -17.98
N SER B 208 20.24 -7.00 -17.04
CA SER B 208 21.23 -5.96 -16.78
C SER B 208 22.53 -6.50 -16.15
N LEU B 209 22.51 -7.72 -15.59
CA LEU B 209 23.68 -8.27 -14.92
C LEU B 209 24.77 -8.75 -15.90
N ASN B 210 24.47 -8.87 -17.21
CA ASN B 210 25.48 -9.23 -18.22
C ASN B 210 25.34 -8.41 -19.52
N ASP B 211 24.81 -7.17 -19.41
CA ASP B 211 24.77 -6.23 -20.53
C ASP B 211 26.15 -5.54 -20.53
N GLY B 212 26.37 -4.53 -21.34
CA GLY B 212 27.67 -3.85 -21.32
C GLY B 212 27.87 -2.92 -20.14
N ASN B 213 26.76 -2.42 -19.56
CA ASN B 213 26.75 -1.39 -18.52
C ASN B 213 27.14 -1.90 -17.14
N PHE B 214 28.13 -1.23 -16.53
CA PHE B 214 28.64 -1.50 -15.20
C PHE B 214 28.14 -0.53 -14.13
N THR B 215 27.76 0.70 -14.51
CA THR B 215 27.35 1.75 -13.57
C THR B 215 25.82 1.96 -13.42
N ALA B 216 25.00 1.44 -14.37
CA ALA B 216 23.54 1.60 -14.32
C ALA B 216 22.89 0.45 -13.55
N ASN B 217 21.89 0.77 -12.72
CA ASN B 217 21.19 -0.22 -11.92
C ASN B 217 19.75 -0.48 -12.38
N ASN B 218 19.36 -1.75 -12.29
CA ASN B 218 18.01 -2.24 -12.55
C ASN B 218 17.62 -3.28 -11.48
N TRP B 219 18.53 -4.21 -11.12
CA TRP B 219 18.30 -5.23 -10.10
C TRP B 219 18.93 -4.85 -8.76
N TYR B 220 18.18 -5.09 -7.68
CA TYR B 220 18.63 -4.87 -6.31
C TYR B 220 17.74 -5.66 -5.36
N THR B 221 18.27 -5.99 -4.18
CA THR B 221 17.52 -6.74 -3.18
C THR B 221 16.75 -5.77 -2.31
N SER B 222 15.75 -6.29 -1.59
CA SER B 222 14.93 -5.51 -0.67
C SER B 222 14.88 -6.13 0.74
N ASN B 223 15.48 -7.32 0.98
CA ASN B 223 15.56 -7.90 2.32
C ASN B 223 16.63 -8.99 2.37
N ALA B 224 16.96 -9.46 3.59
CA ALA B 224 17.96 -10.50 3.80
C ALA B 224 17.59 -11.85 3.18
N ASN B 225 16.28 -12.11 2.93
CA ASN B 225 15.85 -13.39 2.35
C ASN B 225 16.02 -13.43 0.84
N ASN B 226 16.27 -12.29 0.17
CA ASN B 226 16.47 -12.30 -1.28
C ASN B 226 17.82 -12.92 -1.62
N TYR B 227 17.93 -13.48 -2.82
CA TYR B 227 19.17 -14.10 -3.30
C TYR B 227 19.38 -13.82 -4.80
N LEU B 228 20.60 -14.11 -5.26
CA LEU B 228 21.00 -13.98 -6.65
C LEU B 228 21.77 -15.24 -7.04
N THR B 229 21.23 -16.07 -7.97
CA THR B 229 21.89 -17.29 -8.41
C THR B 229 22.58 -17.07 -9.75
N ILE B 230 23.84 -17.52 -9.86
CA ILE B 230 24.66 -17.48 -11.08
C ILE B 230 24.62 -18.88 -11.61
N ILE B 231 24.16 -19.09 -12.84
CA ILE B 231 24.09 -20.44 -13.44
C ILE B 231 25.05 -20.51 -14.61
N LEU B 232 26.06 -21.41 -14.51
CA LEU B 232 27.05 -21.61 -15.56
C LEU B 232 26.52 -22.62 -16.59
N PRO B 233 27.00 -22.58 -17.87
CA PRO B 233 26.53 -23.58 -18.85
C PRO B 233 26.93 -25.02 -18.52
N GLU B 234 28.16 -25.21 -17.98
CA GLU B 234 28.66 -26.51 -17.56
C GLU B 234 29.58 -26.35 -16.34
N LYS B 235 29.95 -27.48 -15.73
CA LYS B 235 30.87 -27.55 -14.61
C LYS B 235 32.19 -26.87 -14.98
N GLN B 236 32.71 -25.97 -14.14
CA GLN B 236 34.00 -25.33 -14.42
C GLN B 236 34.59 -24.70 -13.17
N SER B 237 35.93 -24.70 -13.08
CA SER B 237 36.67 -24.19 -11.94
C SER B 237 36.74 -22.67 -11.95
N LEU B 238 36.07 -22.02 -10.95
CA LEU B 238 36.04 -20.55 -10.84
C LEU B 238 36.95 -20.02 -9.76
N LYS B 239 37.63 -18.89 -10.04
CA LYS B 239 38.49 -18.21 -9.07
C LYS B 239 37.69 -17.23 -8.21
N GLY B 240 36.66 -16.62 -8.79
CA GLY B 240 35.84 -15.65 -8.07
C GLY B 240 34.91 -14.83 -8.97
N PHE B 241 34.41 -13.70 -8.44
CA PHE B 241 33.48 -12.81 -9.16
C PHE B 241 33.76 -11.34 -8.92
N ARG B 242 33.32 -10.49 -9.87
CA ARG B 242 33.34 -9.03 -9.82
C ARG B 242 31.90 -8.60 -9.86
N LEU B 243 31.38 -8.10 -8.74
CA LEU B 243 30.00 -7.62 -8.63
C LEU B 243 30.01 -6.09 -8.59
N ASP B 244 29.54 -5.44 -9.66
CA ASP B 244 29.46 -3.97 -9.67
C ASP B 244 28.30 -3.56 -8.82
N THR B 245 28.54 -2.68 -7.87
CA THR B 245 27.52 -2.27 -6.92
C THR B 245 27.49 -0.74 -6.86
N ASN B 246 26.66 -0.21 -5.97
CA ASN B 246 26.49 1.23 -5.83
C ASN B 246 27.76 1.90 -5.33
N THR B 247 27.97 3.16 -5.75
CA THR B 247 29.13 3.95 -5.37
C THR B 247 28.82 5.02 -4.31
N SER B 248 27.72 4.88 -3.53
CA SER B 248 27.30 5.90 -2.55
C SER B 248 28.35 6.22 -1.50
N PRO B 249 28.66 7.51 -1.22
CA PRO B 249 29.58 7.82 -0.11
C PRO B 249 29.06 7.39 1.26
N SER B 250 27.73 7.28 1.44
CA SER B 250 27.09 6.82 2.68
C SER B 250 27.03 5.29 2.77
N GLY B 251 27.28 4.65 1.62
CA GLY B 251 27.26 3.21 1.49
C GLY B 251 25.90 2.62 1.18
N SER B 252 24.88 3.46 0.86
CA SER B 252 23.54 2.94 0.55
C SER B 252 23.57 2.16 -0.76
N TYR B 253 23.06 0.92 -0.71
CA TYR B 253 23.00 -0.03 -1.81
C TYR B 253 24.39 -0.52 -2.28
N MSE B 254 25.48 -0.21 -1.52
CA MSE B 254 26.83 -0.65 -1.85
C MSE B 254 27.08 -1.96 -1.13
O MSE B 254 27.13 -1.95 0.10
CB MSE B 254 27.85 0.42 -1.42
CG MSE B 254 29.31 -0.02 -1.52
SE MSE B 254 30.59 1.38 -1.13
CE MSE B 254 30.28 1.68 0.56
N LEU B 255 27.25 -3.07 -1.85
CA LEU B 255 27.50 -4.39 -1.25
C LEU B 255 28.71 -4.39 -0.31
N LYS B 256 28.49 -4.78 0.96
CA LYS B 256 29.53 -4.93 1.96
C LYS B 256 29.80 -6.41 2.19
N SER B 257 28.75 -7.17 2.55
CA SER B 257 28.89 -8.57 2.91
C SER B 257 27.75 -9.44 2.42
N CYS B 258 28.04 -10.72 2.20
CA CYS B 258 27.08 -11.73 1.77
C CYS B 258 27.63 -13.14 1.99
N ARG B 259 26.73 -14.13 2.01
CA ARG B 259 27.03 -15.55 2.17
C ARG B 259 27.14 -16.17 0.79
N VAL B 260 28.25 -16.85 0.47
CA VAL B 260 28.46 -17.44 -0.86
C VAL B 260 28.17 -18.96 -0.84
N MSE B 261 27.01 -19.37 -1.40
CA MSE B 261 26.62 -20.79 -1.55
C MSE B 261 27.11 -21.30 -2.88
O MSE B 261 27.01 -20.59 -3.85
CB MSE B 261 25.09 -20.96 -1.49
CG MSE B 261 24.41 -20.31 -0.29
SE MSE B 261 25.03 -20.96 1.41
CE MSE B 261 24.45 -22.81 1.25
N VAL B 262 27.59 -22.54 -2.94
CA VAL B 262 28.11 -23.12 -4.19
C VAL B 262 27.49 -24.48 -4.43
N GLU B 263 26.84 -24.70 -5.60
CA GLU B 263 26.25 -25.99 -5.92
C GLU B 263 27.32 -26.92 -6.43
N THR B 264 27.44 -28.10 -5.80
CA THR B 264 28.40 -29.13 -6.20
C THR B 264 27.80 -29.91 -7.37
N PRO B 265 28.59 -30.71 -8.12
CA PRO B 265 27.98 -31.54 -9.19
C PRO B 265 27.00 -32.60 -8.64
N ASP B 266 27.09 -32.94 -7.33
CA ASP B 266 26.18 -33.87 -6.67
C ASP B 266 24.78 -33.29 -6.45
N GLY B 267 24.59 -31.99 -6.68
CA GLY B 267 23.31 -31.29 -6.52
C GLY B 267 23.13 -30.63 -5.17
N ASN B 268 24.15 -30.75 -4.27
CA ASN B 268 24.10 -30.21 -2.92
C ASN B 268 24.76 -28.84 -2.88
N TRP B 269 24.19 -27.92 -2.07
CA TRP B 269 24.72 -26.57 -1.89
C TRP B 269 25.60 -26.52 -0.65
N VAL B 270 26.79 -25.91 -0.74
CA VAL B 270 27.74 -25.81 0.36
C VAL B 270 28.12 -24.35 0.55
N ASN B 271 28.06 -23.88 1.80
CA ASN B 271 28.39 -22.50 2.17
C ASN B 271 29.91 -22.39 2.21
N HIS B 272 30.50 -21.68 1.23
CA HIS B 272 31.95 -21.55 1.12
C HIS B 272 32.53 -20.43 2.01
N GLY B 273 31.69 -19.70 2.73
CA GLY B 273 32.13 -18.64 3.63
C GLY B 273 31.35 -17.36 3.46
N VAL B 274 31.71 -16.35 4.25
CA VAL B 274 31.07 -15.05 4.21
C VAL B 274 32.03 -14.03 3.60
N PHE B 275 31.55 -13.32 2.56
CA PHE B 275 32.28 -12.20 1.99
C PHE B 275 31.94 -11.03 2.89
N ASP B 276 32.92 -10.25 3.31
CA ASP B 276 32.69 -9.09 4.18
C ASP B 276 33.86 -8.12 4.00
N ARG B 277 33.77 -7.27 2.97
CA ARG B 277 34.87 -6.36 2.64
C ARG B 277 34.88 -5.13 3.52
N LYS B 278 36.05 -4.48 3.57
CA LYS B 278 36.31 -3.28 4.35
C LYS B 278 36.62 -2.08 3.44
N SER B 279 36.72 -2.27 2.11
CA SER B 279 37.01 -1.20 1.15
C SER B 279 35.71 -0.72 0.49
N MSE B 280 35.41 0.61 0.56
CA MSE B 280 34.20 1.18 -0.04
C MSE B 280 34.45 1.64 -1.47
O MSE B 280 35.24 2.56 -1.68
CB MSE B 280 33.72 2.37 0.77
CG MSE B 280 33.46 2.07 2.22
SE MSE B 280 32.30 3.38 3.06
CE MSE B 280 32.64 4.97 1.99
N ASP B 281 33.77 1.04 -2.44
CA ASP B 281 33.82 1.47 -3.86
C ASP B 281 32.73 0.71 -4.63
N GLY B 282 32.57 1.04 -5.91
CA GLY B 282 31.57 0.41 -6.75
C GLY B 282 31.91 -0.96 -7.32
N ILE B 283 33.15 -1.48 -7.12
CA ILE B 283 33.53 -2.79 -7.65
C ILE B 283 33.88 -3.75 -6.50
N ALA B 284 33.01 -4.76 -6.27
CA ALA B 284 33.23 -5.76 -5.23
C ALA B 284 33.85 -6.99 -5.86
N TYR B 285 35.04 -7.41 -5.39
CA TYR B 285 35.73 -8.60 -5.90
C TYR B 285 35.62 -9.70 -4.86
N ILE B 286 34.83 -10.74 -5.16
CA ILE B 286 34.63 -11.88 -4.26
C ILE B 286 35.53 -12.98 -4.78
N SER B 287 36.53 -13.44 -3.99
CA SER B 287 37.49 -14.45 -4.45
C SER B 287 37.47 -15.71 -3.62
N PHE B 288 37.59 -16.87 -4.30
CA PHE B 288 37.70 -18.16 -3.63
C PHE B 288 39.17 -18.37 -3.23
N LYS B 289 39.44 -18.69 -1.95
CA LYS B 289 40.81 -18.96 -1.48
C LYS B 289 41.42 -20.11 -2.27
N LYS B 290 40.61 -21.14 -2.54
CA LYS B 290 40.97 -22.28 -3.37
C LYS B 290 39.93 -22.34 -4.47
N PRO B 291 40.29 -22.22 -5.77
CA PRO B 291 39.27 -22.31 -6.84
C PRO B 291 38.39 -23.55 -6.72
N VAL B 292 37.09 -23.42 -7.06
CA VAL B 292 36.11 -24.49 -6.87
C VAL B 292 35.38 -24.84 -8.16
N GLU B 293 35.25 -26.16 -8.45
CA GLU B 293 34.47 -26.65 -9.59
C GLU B 293 33.01 -26.59 -9.20
N CYS B 294 32.19 -25.87 -9.97
CA CYS B 294 30.78 -25.71 -9.64
C CYS B 294 29.94 -25.49 -10.89
N THR B 295 28.64 -25.78 -10.77
CA THR B 295 27.65 -25.58 -11.82
C THR B 295 26.94 -24.22 -11.58
N LYS B 296 26.62 -23.91 -10.30
CA LYS B 296 25.96 -22.66 -9.88
C LYS B 296 26.61 -22.05 -8.61
N VAL B 297 26.39 -20.75 -8.39
CA VAL B 297 26.84 -19.99 -7.21
C VAL B 297 25.67 -19.08 -6.82
N ARG B 298 25.32 -19.03 -5.53
CA ARG B 298 24.19 -18.24 -5.08
C ARG B 298 24.66 -17.32 -3.94
N PHE B 299 24.33 -16.02 -4.05
CA PHE B 299 24.66 -15.00 -3.06
C PHE B 299 23.43 -14.77 -2.19
N GLU B 300 23.57 -14.90 -0.87
CA GLU B 300 22.47 -14.74 0.09
C GLU B 300 22.85 -13.75 1.19
N ASN B 301 21.85 -13.27 1.94
CA ASN B 301 22.05 -12.37 3.07
C ASN B 301 22.94 -11.16 2.66
N MSE B 302 22.61 -10.54 1.53
CA MSE B 302 23.40 -9.44 0.98
C MSE B 302 23.11 -8.15 1.73
O MSE B 302 22.00 -7.61 1.64
CB MSE B 302 23.14 -9.28 -0.51
CG MSE B 302 23.33 -10.56 -1.30
SE MSE B 302 23.01 -10.32 -3.18
CE MSE B 302 24.81 -9.80 -3.69
N MSE B 303 24.12 -7.65 2.48
CA MSE B 303 24.05 -6.42 3.26
C MSE B 303 24.90 -5.32 2.66
O MSE B 303 26.02 -5.57 2.22
CB MSE B 303 24.53 -6.67 4.68
CG MSE B 303 24.04 -5.62 5.66
SE MSE B 303 24.96 -5.71 7.35
CE MSE B 303 26.62 -4.88 6.89
N ALA B 304 24.39 -4.07 2.71
CA ALA B 304 25.10 -2.89 2.23
C ALA B 304 26.00 -2.31 3.35
N PHE B 305 26.90 -1.38 3.02
CA PHE B 305 27.76 -0.74 4.03
C PHE B 305 26.96 0.11 5.04
N ASN B 306 25.77 0.62 4.65
CA ASN B 306 24.96 1.41 5.58
C ASN B 306 24.18 0.51 6.58
N GLY B 307 24.38 -0.82 6.53
CA GLY B 307 23.76 -1.77 7.44
C GLY B 307 22.44 -2.33 6.97
N ARG B 308 21.78 -1.71 5.98
CA ARG B 308 20.47 -2.19 5.52
C ARG B 308 20.65 -3.31 4.50
N PHE B 309 19.74 -4.30 4.50
CA PHE B 309 19.81 -5.48 3.63
C PHE B 309 19.18 -5.23 2.25
N SER B 310 19.78 -4.28 1.52
CA SER B 310 19.39 -3.90 0.16
C SER B 310 20.64 -3.48 -0.57
N VAL B 311 21.07 -4.25 -1.58
CA VAL B 311 22.29 -3.93 -2.34
C VAL B 311 21.95 -3.89 -3.83
N ASP B 312 22.72 -3.08 -4.57
CA ASP B 312 22.66 -2.99 -6.03
C ASP B 312 23.66 -3.94 -6.63
N VAL B 313 23.29 -4.63 -7.71
CA VAL B 313 24.24 -5.43 -8.49
C VAL B 313 23.97 -4.98 -9.91
N ASN B 314 24.90 -4.19 -10.46
CA ASN B 314 24.80 -3.55 -11.77
C ASN B 314 25.37 -4.41 -12.89
N GLU B 315 26.31 -5.32 -12.56
CA GLU B 315 26.96 -6.22 -13.51
C GLU B 315 27.66 -7.35 -12.74
N VAL B 316 27.62 -8.58 -13.26
CA VAL B 316 28.28 -9.75 -12.64
C VAL B 316 29.26 -10.32 -13.64
N THR B 317 30.52 -10.51 -13.22
CA THR B 317 31.59 -11.08 -14.06
C THR B 317 32.26 -12.21 -13.29
N ALA B 318 32.35 -13.41 -13.89
CA ALA B 318 33.00 -14.56 -13.28
C ALA B 318 34.41 -14.70 -13.85
N PHE B 319 35.34 -15.36 -13.12
CA PHE B 319 36.74 -15.53 -13.56
C PHE B 319 37.17 -16.99 -13.53
N ARG B 320 37.59 -17.53 -14.70
CA ARG B 320 38.05 -18.92 -14.83
C ARG B 320 39.48 -19.08 -14.24
MG MG C . 4.37 21.48 -11.35
MG MG D . -53.00 31.60 -6.71
O1 PG4 E . -27.19 31.45 -5.33
C1 PG4 E . -27.13 31.17 -6.72
C2 PG4 E . -28.07 32.03 -7.51
O2 PG4 E . -27.46 33.26 -7.92
C3 PG4 E . -27.41 34.27 -6.91
C4 PG4 E . -28.47 35.31 -7.07
O3 PG4 E . -28.34 36.32 -6.07
C5 PG4 E . -29.32 36.26 -5.05
C6 PG4 E . -28.66 36.00 -3.73
O4 PG4 E . -28.01 34.73 -3.73
MG MG F . 28.69 -9.58 42.29
MG MG G . 25.17 -4.23 -16.50
#